data_1Y19
#
_entry.id   1Y19
#
_cell.length_a   118.102
_cell.length_b   118.102
_cell.length_c   93.308
_cell.angle_alpha   90.00
_cell.angle_beta   90.00
_cell.angle_gamma   120.00
#
_symmetry.space_group_name_H-M   'P 32'
#
loop_
_entity.id
_entity.type
_entity.pdbx_description
1 polymer 'Phosphatidylinositol-4-phosphate 5-kinase, type 1 gamma'
2 polymer 'Talin 1'
3 water water
#
loop_
_entity_poly.entity_id
_entity_poly.type
_entity_poly.pdbx_seq_one_letter_code
_entity_poly.pdbx_strand_id
1 'polypeptide(L)' DERSWVYSPLHYSA A,C,E,G,I,K
2 'polypeptide(L)'
;PVQLNLLYVQARDDILNGSHPVSFDKACEFAGFQCQIQFGPHNEQKHKAGFLDLKDFLPKEYVKQKGERKIFQAHKNCGQ
MSEIEAKVRYVKLARSLKTYGVSFFLVKEKMKGKNKLVPRLLGITKECVMRVDEKTKEVIQEWSLTNIKRWAASPKSFTL
DFGDYQDGYYSVQTTEGEQIAQLIAGYIDIILKKKKSKDHFG
;
B,D,F,H,J,L
#
# COMPACT_ATOMS: atom_id res chain seq x y z
N SER A 4 15.95 -1.08 32.58
CA SER A 4 15.53 -0.47 33.87
C SER A 4 14.01 -0.34 33.97
N TRP A 5 13.56 0.63 34.77
CA TRP A 5 12.14 0.85 35.01
C TRP A 5 11.21 0.94 33.81
N VAL A 6 10.02 0.36 33.98
CA VAL A 6 8.98 0.36 32.97
C VAL A 6 7.71 0.76 33.73
N TYR A 7 7.12 1.88 33.35
CA TYR A 7 5.94 2.38 34.03
C TYR A 7 4.61 1.85 33.55
N SER A 8 3.70 1.67 34.51
CA SER A 8 2.36 1.19 34.22
C SER A 8 1.52 2.37 33.78
N PRO A 9 0.81 2.24 32.64
CA PRO A 9 -0.04 3.31 32.15
C PRO A 9 -1.13 3.69 33.14
N LEU A 10 -1.56 2.71 33.94
CA LEU A 10 -2.59 2.92 34.95
C LEU A 10 -2.24 4.00 35.97
N HIS A 11 -0.96 4.35 36.07
CA HIS A 11 -0.55 5.38 37.01
C HIS A 11 -0.17 6.70 36.35
N TYR A 12 -0.39 6.82 35.04
CA TYR A 12 -0.13 8.06 34.31
C TYR A 12 -1.25 9.02 34.75
N SER A 13 -1.01 10.32 34.65
CA SER A 13 -2.02 11.29 35.04
C SER A 13 -3.26 10.99 34.22
N ALA A 14 -4.43 11.32 34.76
CA ALA A 14 -5.70 11.07 34.08
C ALA A 14 -5.75 11.65 32.66
N PRO B 1 -5.27 12.88 32.49
CA PRO B 1 -5.28 13.51 31.16
C PRO B 1 -4.45 12.72 30.13
N VAL B 2 -3.25 12.32 30.52
CA VAL B 2 -2.37 11.54 29.64
C VAL B 2 -3.00 10.20 29.29
N GLN B 3 -3.65 9.57 30.25
CA GLN B 3 -4.27 8.28 29.97
C GLN B 3 -5.37 8.46 28.95
N LEU B 4 -6.04 9.60 29.04
CA LEU B 4 -7.14 9.97 28.14
C LEU B 4 -6.64 10.15 26.71
N ASN B 5 -5.42 10.64 26.57
CA ASN B 5 -4.88 10.85 25.23
C ASN B 5 -4.46 9.54 24.56
N LEU B 6 -4.06 8.56 25.37
CA LEU B 6 -3.67 7.26 24.83
C LEU B 6 -4.94 6.53 24.37
N LEU B 7 -6.00 6.58 25.19
CA LEU B 7 -7.26 5.93 24.85
C LEU B 7 -7.83 6.58 23.60
N TYR B 8 -7.73 7.91 23.53
CA TYR B 8 -8.24 8.66 22.38
C TYR B 8 -7.54 8.28 21.08
N VAL B 9 -6.21 8.41 21.08
CA VAL B 9 -5.44 8.08 19.89
C VAL B 9 -5.75 6.67 19.39
N GLN B 10 -5.91 5.73 20.31
CA GLN B 10 -6.19 4.36 19.95
C GLN B 10 -7.55 4.23 19.27
N ALA B 11 -8.59 4.75 19.92
CA ALA B 11 -9.94 4.70 19.39
C ALA B 11 -10.06 5.43 18.03
N ARG B 12 -9.42 6.58 17.91
CA ARG B 12 -9.44 7.36 16.68
C ARG B 12 -8.75 6.61 15.55
N ASP B 13 -7.52 6.15 15.81
CA ASP B 13 -6.75 5.40 14.83
C ASP B 13 -7.46 4.14 14.37
N ASP B 14 -8.15 3.47 15.28
CA ASP B 14 -8.87 2.25 14.93
C ASP B 14 -10.04 2.56 14.02
N ILE B 15 -10.57 3.77 14.12
CA ILE B 15 -11.69 4.16 13.28
C ILE B 15 -11.22 4.66 11.93
N LEU B 16 -10.19 5.50 11.93
CA LEU B 16 -9.64 6.05 10.70
C LEU B 16 -9.04 5.00 9.78
N ASN B 17 -8.40 3.97 10.36
CA ASN B 17 -7.79 2.93 9.53
C ASN B 17 -8.73 1.76 9.18
N GLY B 18 -9.94 1.78 9.74
CA GLY B 18 -10.90 0.72 9.46
C GLY B 18 -10.96 -0.41 10.47
N SER B 19 -9.95 -0.53 11.32
CA SER B 19 -9.92 -1.59 12.33
C SER B 19 -11.25 -1.67 13.07
N HIS B 20 -11.86 -0.52 13.32
CA HIS B 20 -13.13 -0.45 14.01
C HIS B 20 -14.17 0.10 13.02
N PRO B 21 -14.94 -0.81 12.37
CA PRO B 21 -15.98 -0.47 11.40
C PRO B 21 -17.14 0.32 12.01
N VAL B 22 -17.47 1.44 11.38
CA VAL B 22 -18.58 2.28 11.86
C VAL B 22 -19.33 2.80 10.64
N SER B 23 -20.56 3.25 10.86
CA SER B 23 -21.38 3.77 9.76
C SER B 23 -20.87 5.13 9.34
N PHE B 24 -21.44 5.64 8.24
CA PHE B 24 -21.07 6.94 7.71
C PHE B 24 -21.44 8.03 8.70
N ASP B 25 -22.66 7.97 9.22
CA ASP B 25 -23.14 8.95 10.18
C ASP B 25 -22.19 9.03 11.37
N LYS B 26 -21.86 7.87 11.94
CA LYS B 26 -20.97 7.80 13.10
C LYS B 26 -19.56 8.30 12.78
N ALA B 27 -19.09 8.02 11.57
CA ALA B 27 -17.77 8.46 11.14
C ALA B 27 -17.70 9.97 11.14
N CYS B 28 -18.80 10.62 10.75
CA CYS B 28 -18.83 12.09 10.71
C CYS B 28 -18.97 12.69 12.09
N GLU B 29 -19.58 11.94 13.00
CA GLU B 29 -19.76 12.40 14.36
C GLU B 29 -18.38 12.48 14.99
N PHE B 30 -17.63 11.40 14.84
CA PHE B 30 -16.27 11.35 15.37
C PHE B 30 -15.48 12.52 14.78
N ALA B 31 -15.52 12.67 13.45
CA ALA B 31 -14.82 13.74 12.75
C ALA B 31 -15.07 15.08 13.45
N GLY B 32 -16.33 15.29 13.83
CA GLY B 32 -16.72 16.50 14.52
C GLY B 32 -15.92 16.63 15.82
N PHE B 33 -15.83 15.53 16.57
CA PHE B 33 -15.08 15.53 17.82
C PHE B 33 -13.61 15.76 17.53
N GLN B 34 -13.13 15.13 16.47
CA GLN B 34 -11.74 15.25 16.05
C GLN B 34 -11.40 16.70 15.71
N CYS B 35 -12.31 17.37 14.99
CA CYS B 35 -12.13 18.76 14.59
C CYS B 35 -12.03 19.69 15.79
N GLN B 36 -13.02 19.59 16.69
CA GLN B 36 -13.07 20.39 17.90
C GLN B 36 -11.75 20.25 18.62
N ILE B 37 -11.32 19.02 18.81
CA ILE B 37 -10.07 18.72 19.48
C ILE B 37 -8.87 19.35 18.77
N GLN B 38 -8.79 19.17 17.46
CA GLN B 38 -7.66 19.71 16.69
C GLN B 38 -7.71 21.20 16.36
N PHE B 39 -8.90 21.76 16.21
CA PHE B 39 -9.02 23.17 15.83
C PHE B 39 -9.66 24.07 16.87
N GLY B 40 -10.39 23.46 17.80
CA GLY B 40 -11.08 24.25 18.77
C GLY B 40 -12.46 24.41 18.21
N PRO B 41 -13.28 25.21 18.89
CA PRO B 41 -14.67 25.52 18.52
C PRO B 41 -14.77 25.87 17.04
N HIS B 42 -15.88 25.52 16.43
CA HIS B 42 -16.07 25.79 15.02
C HIS B 42 -16.16 27.28 14.69
N ASN B 43 -15.43 27.70 13.66
CA ASN B 43 -15.41 29.10 13.24
C ASN B 43 -15.77 29.23 11.77
N GLU B 44 -16.90 29.89 11.51
CA GLU B 44 -17.38 30.08 10.14
C GLU B 44 -16.37 30.66 9.16
N GLN B 45 -15.64 31.68 9.59
CA GLN B 45 -14.66 32.32 8.73
C GLN B 45 -13.34 31.62 8.56
N LYS B 46 -13.01 30.74 9.50
CA LYS B 46 -11.75 30.04 9.42
C LYS B 46 -11.94 28.60 8.95
N HIS B 47 -13.09 28.02 9.29
CA HIS B 47 -13.43 26.65 8.94
C HIS B 47 -14.49 26.58 7.86
N LYS B 48 -14.09 26.79 6.61
CA LYS B 48 -15.00 26.74 5.48
C LYS B 48 -14.64 25.65 4.51
N ALA B 49 -15.62 25.27 3.69
CA ALA B 49 -15.45 24.19 2.72
C ALA B 49 -14.05 24.07 2.12
N GLY B 50 -13.52 22.85 2.10
CA GLY B 50 -12.20 22.62 1.54
C GLY B 50 -11.10 22.75 2.58
N PHE B 51 -11.45 23.29 3.73
CA PHE B 51 -10.50 23.45 4.83
C PHE B 51 -10.00 22.10 5.31
N LEU B 52 -10.89 21.12 5.35
CA LEU B 52 -10.53 19.79 5.82
C LEU B 52 -10.02 18.84 4.76
N ASP B 53 -8.97 18.10 5.11
CA ASP B 53 -8.39 17.09 4.23
C ASP B 53 -9.09 15.80 4.68
N LEU B 54 -10.24 15.53 4.09
CA LEU B 54 -11.07 14.37 4.43
C LEU B 54 -10.32 13.07 4.69
N LYS B 55 -9.13 12.94 4.12
CA LYS B 55 -8.33 11.73 4.31
C LYS B 55 -7.88 11.54 5.75
N ASP B 56 -7.77 12.63 6.50
CA ASP B 56 -7.33 12.56 7.90
C ASP B 56 -8.47 12.57 8.91
N PHE B 57 -9.71 12.67 8.43
CA PHE B 57 -10.86 12.71 9.33
C PHE B 57 -11.90 11.64 9.14
N LEU B 58 -11.74 10.83 8.09
CA LEU B 58 -12.70 9.77 7.83
C LEU B 58 -12.01 8.51 7.32
N PRO B 59 -12.65 7.35 7.53
CA PRO B 59 -12.07 6.07 7.06
C PRO B 59 -12.05 6.13 5.54
N LYS B 60 -11.05 5.47 4.93
CA LYS B 60 -10.90 5.46 3.47
C LYS B 60 -12.23 5.32 2.74
N GLU B 61 -12.98 4.28 3.06
CA GLU B 61 -14.25 4.00 2.41
C GLU B 61 -15.23 5.17 2.40
N TYR B 62 -14.97 6.18 3.22
CA TYR B 62 -15.88 7.34 3.31
C TYR B 62 -15.36 8.67 2.76
N VAL B 63 -14.11 8.69 2.31
CA VAL B 63 -13.53 9.92 1.80
C VAL B 63 -14.33 10.55 0.67
N LYS B 64 -14.49 9.83 -0.44
CA LYS B 64 -15.22 10.36 -1.59
C LYS B 64 -16.75 10.44 -1.39
N GLN B 65 -17.18 10.64 -0.16
CA GLN B 65 -18.62 10.71 0.13
C GLN B 65 -19.15 12.13 0.27
N LYS B 66 -18.26 13.12 0.20
CA LYS B 66 -18.68 14.50 0.34
C LYS B 66 -19.49 14.67 1.61
N GLY B 67 -18.87 14.34 2.74
CA GLY B 67 -19.54 14.47 4.02
C GLY B 67 -18.91 15.55 4.87
N GLU B 68 -18.16 16.45 4.24
CA GLU B 68 -17.51 17.54 4.97
C GLU B 68 -18.59 18.35 5.65
N ARG B 69 -19.74 18.47 4.99
CA ARG B 69 -20.86 19.21 5.52
C ARG B 69 -21.36 18.56 6.81
N LYS B 70 -21.46 17.23 6.81
CA LYS B 70 -21.90 16.48 7.97
C LYS B 70 -20.90 16.62 9.12
N ILE B 71 -19.63 16.73 8.77
CA ILE B 71 -18.59 16.89 9.77
C ILE B 71 -18.68 18.25 10.44
N PHE B 72 -18.74 19.29 9.62
CA PHE B 72 -18.83 20.65 10.14
C PHE B 72 -20.09 20.83 10.98
N GLN B 73 -21.10 20.04 10.68
CA GLN B 73 -22.37 20.09 11.41
C GLN B 73 -22.11 19.47 12.79
N ALA B 74 -21.32 18.40 12.78
CA ALA B 74 -20.97 17.70 14.01
C ALA B 74 -20.06 18.57 14.83
N HIS B 75 -19.11 19.22 14.14
CA HIS B 75 -18.16 20.11 14.78
C HIS B 75 -18.92 21.29 15.38
N LYS B 76 -19.91 21.79 14.64
CA LYS B 76 -20.69 22.94 15.09
C LYS B 76 -21.52 22.64 16.34
N ASN B 77 -22.08 21.44 16.41
CA ASN B 77 -22.88 21.08 17.57
C ASN B 77 -22.04 20.84 18.83
N CYS B 78 -20.72 20.90 18.70
CA CYS B 78 -19.85 20.71 19.87
C CYS B 78 -19.84 21.96 20.75
N GLY B 79 -20.31 23.07 20.19
CA GLY B 79 -20.34 24.30 20.94
C GLY B 79 -18.96 24.72 21.40
N GLN B 80 -18.82 25.19 22.64
CA GLN B 80 -17.53 25.63 23.15
C GLN B 80 -16.79 24.52 23.92
N MET B 81 -17.16 23.26 23.65
CA MET B 81 -16.57 22.09 24.30
C MET B 81 -15.04 22.11 24.35
N SER B 82 -14.51 21.79 25.53
CA SER B 82 -13.07 21.76 25.70
C SER B 82 -12.49 20.52 24.99
N GLU B 83 -11.18 20.55 24.75
CA GLU B 83 -10.51 19.44 24.09
C GLU B 83 -10.68 18.17 24.91
N ILE B 84 -10.46 18.28 26.21
CA ILE B 84 -10.59 17.13 27.11
C ILE B 84 -11.98 16.53 27.01
N GLU B 85 -13.00 17.37 27.03
CA GLU B 85 -14.36 16.88 26.97
C GLU B 85 -14.67 16.19 25.66
N ALA B 86 -14.21 16.78 24.56
CA ALA B 86 -14.43 16.20 23.24
C ALA B 86 -13.74 14.85 23.20
N LYS B 87 -12.50 14.79 23.68
CA LYS B 87 -11.77 13.53 23.71
C LYS B 87 -12.58 12.47 24.46
N VAL B 88 -13.07 12.85 25.64
CA VAL B 88 -13.87 11.97 26.48
C VAL B 88 -15.08 11.46 25.69
N ARG B 89 -15.80 12.37 25.05
CA ARG B 89 -16.96 12.02 24.27
C ARG B 89 -16.63 11.13 23.08
N TYR B 90 -15.45 11.32 22.52
CA TYR B 90 -15.03 10.50 21.37
C TYR B 90 -14.96 9.04 21.82
N VAL B 91 -14.15 8.78 22.84
CA VAL B 91 -13.97 7.44 23.36
C VAL B 91 -15.29 6.76 23.78
N LYS B 92 -16.09 7.43 24.61
CA LYS B 92 -17.35 6.87 25.05
C LYS B 92 -18.24 6.45 23.88
N LEU B 93 -18.26 7.26 22.83
CA LEU B 93 -19.06 6.97 21.64
C LEU B 93 -18.53 5.69 20.98
N ALA B 94 -17.21 5.60 20.85
CA ALA B 94 -16.56 4.45 20.24
C ALA B 94 -16.80 3.17 21.03
N ARG B 95 -16.82 3.31 22.36
CA ARG B 95 -17.03 2.17 23.25
C ARG B 95 -18.49 1.74 23.32
N SER B 96 -19.40 2.64 22.96
CA SER B 96 -20.82 2.35 23.02
C SER B 96 -21.31 1.62 21.77
N LEU B 97 -20.45 1.53 20.78
CA LEU B 97 -20.79 0.88 19.52
C LEU B 97 -20.70 -0.64 19.52
N LYS B 98 -21.73 -1.26 18.94
CA LYS B 98 -21.83 -2.71 18.84
C LYS B 98 -20.62 -3.33 18.15
N THR B 99 -19.91 -2.52 17.36
CA THR B 99 -18.75 -2.99 16.62
C THR B 99 -17.44 -2.78 17.37
N TYR B 100 -17.52 -2.15 18.54
CA TYR B 100 -16.33 -1.89 19.33
C TYR B 100 -15.76 -3.16 19.96
N GLY B 101 -14.45 -3.35 19.84
CA GLY B 101 -13.79 -4.51 20.42
C GLY B 101 -14.18 -5.84 19.80
N VAL B 102 -14.63 -5.82 18.56
CA VAL B 102 -15.02 -7.04 17.87
C VAL B 102 -14.01 -7.36 16.75
N SER B 103 -13.44 -8.56 16.77
CA SER B 103 -12.50 -8.95 15.73
C SER B 103 -13.28 -9.22 14.46
N PHE B 104 -12.99 -8.44 13.42
CA PHE B 104 -13.69 -8.61 12.15
C PHE B 104 -12.83 -9.23 11.08
N PHE B 105 -13.49 -9.90 10.14
CA PHE B 105 -12.83 -10.54 9.01
C PHE B 105 -13.68 -10.26 7.78
N LEU B 106 -13.04 -9.79 6.72
CA LEU B 106 -13.74 -9.49 5.47
C LEU B 106 -13.89 -10.77 4.67
N VAL B 107 -15.14 -11.25 4.56
CA VAL B 107 -15.41 -12.47 3.82
C VAL B 107 -16.38 -12.16 2.68
N LYS B 108 -16.78 -13.20 1.96
CA LYS B 108 -17.70 -13.02 0.84
C LYS B 108 -18.82 -14.06 0.90
N GLU B 109 -20.06 -13.60 0.77
CA GLU B 109 -21.23 -14.47 0.81
C GLU B 109 -21.83 -14.76 -0.57
N LYS B 110 -22.01 -16.05 -0.86
CA LYS B 110 -22.59 -16.48 -2.13
C LYS B 110 -24.05 -16.83 -1.88
N MET B 111 -24.95 -16.00 -2.40
CA MET B 111 -26.38 -16.21 -2.22
C MET B 111 -27.12 -16.19 -3.55
N LYS B 112 -28.45 -16.20 -3.51
CA LYS B 112 -29.22 -16.16 -4.74
C LYS B 112 -29.34 -14.73 -5.25
N GLY B 113 -30.17 -14.53 -6.26
CA GLY B 113 -30.32 -13.19 -6.84
C GLY B 113 -29.26 -12.95 -7.88
N LYS B 114 -28.16 -13.70 -7.78
CA LYS B 114 -27.05 -13.59 -8.72
C LYS B 114 -25.99 -14.66 -8.43
N ASN B 115 -24.93 -14.64 -9.22
CA ASN B 115 -23.84 -15.61 -9.05
C ASN B 115 -22.63 -14.90 -8.47
N LYS B 116 -22.73 -13.59 -8.28
CA LYS B 116 -21.66 -12.77 -7.73
C LYS B 116 -21.65 -12.90 -6.21
N LEU B 117 -20.48 -12.75 -5.60
CA LEU B 117 -20.35 -12.86 -4.15
C LEU B 117 -20.45 -11.52 -3.43
N VAL B 118 -21.29 -11.46 -2.40
CA VAL B 118 -21.51 -10.25 -1.62
C VAL B 118 -20.53 -10.12 -0.44
N PRO B 119 -19.60 -9.14 -0.51
CA PRO B 119 -18.64 -8.95 0.57
C PRO B 119 -19.41 -8.75 1.87
N ARG B 120 -18.91 -9.31 2.97
CA ARG B 120 -19.59 -9.19 4.25
C ARG B 120 -18.61 -9.11 5.41
N LEU B 121 -19.04 -8.47 6.49
CA LEU B 121 -18.21 -8.33 7.67
C LEU B 121 -18.55 -9.38 8.73
N LEU B 122 -17.57 -10.21 9.07
CA LEU B 122 -17.76 -11.26 10.06
C LEU B 122 -17.03 -10.91 11.34
N GLY B 123 -17.78 -10.79 12.43
CA GLY B 123 -17.17 -10.43 13.70
C GLY B 123 -17.23 -11.51 14.75
N ILE B 124 -16.13 -11.70 15.46
CA ILE B 124 -16.07 -12.73 16.50
C ILE B 124 -15.75 -12.11 17.86
N THR B 125 -16.53 -12.48 18.88
CA THR B 125 -16.31 -11.99 20.23
C THR B 125 -16.24 -13.19 21.16
N LYS B 126 -15.96 -12.95 22.43
CA LYS B 126 -15.84 -14.03 23.40
C LYS B 126 -17.16 -14.73 23.67
N GLU B 127 -18.24 -14.25 23.08
CA GLU B 127 -19.54 -14.87 23.30
C GLU B 127 -20.47 -14.95 22.10
N CYS B 128 -20.05 -14.44 20.95
CA CYS B 128 -20.89 -14.50 19.75
C CYS B 128 -20.19 -14.34 18.41
N VAL B 129 -20.94 -14.65 17.36
CA VAL B 129 -20.49 -14.53 15.98
C VAL B 129 -21.54 -13.63 15.31
N MET B 130 -21.11 -12.62 14.57
CA MET B 130 -22.05 -11.72 13.92
C MET B 130 -21.80 -11.43 12.46
N ARG B 131 -22.89 -11.19 11.73
CA ARG B 131 -22.83 -10.85 10.32
C ARG B 131 -23.07 -9.35 10.26
N VAL B 132 -22.10 -8.61 9.73
CA VAL B 132 -22.26 -7.16 9.65
C VAL B 132 -22.23 -6.63 8.22
N ASP B 133 -23.13 -5.69 7.93
CA ASP B 133 -23.22 -5.10 6.60
C ASP B 133 -21.91 -4.39 6.25
N GLU B 134 -21.28 -4.86 5.18
CA GLU B 134 -20.01 -4.32 4.72
C GLU B 134 -20.05 -2.80 4.58
N LYS B 135 -21.23 -2.26 4.28
CA LYS B 135 -21.39 -0.82 4.10
C LYS B 135 -22.02 -0.10 5.28
N THR B 136 -23.26 -0.45 5.58
CA THR B 136 -24.02 0.17 6.67
C THR B 136 -23.42 -0.11 8.05
N LYS B 137 -22.66 -1.19 8.14
CA LYS B 137 -22.04 -1.60 9.40
C LYS B 137 -23.14 -2.04 10.38
N GLU B 138 -24.32 -2.30 9.85
CA GLU B 138 -25.45 -2.75 10.65
C GLU B 138 -25.31 -4.26 10.87
N VAL B 139 -25.86 -4.75 11.98
CA VAL B 139 -25.78 -6.17 12.31
C VAL B 139 -26.96 -6.94 11.71
N ILE B 140 -26.70 -7.65 10.63
CA ILE B 140 -27.74 -8.43 9.95
C ILE B 140 -28.24 -9.59 10.82
N GLN B 141 -27.30 -10.43 11.24
CA GLN B 141 -27.64 -11.60 12.05
C GLN B 141 -26.54 -11.90 13.04
N GLU B 142 -26.92 -12.27 14.26
CA GLU B 142 -25.95 -12.59 15.28
C GLU B 142 -26.20 -13.95 15.90
N TRP B 143 -25.13 -14.68 16.17
CA TRP B 143 -25.24 -16.00 16.76
C TRP B 143 -24.50 -16.09 18.08
N SER B 144 -24.97 -16.98 18.95
CA SER B 144 -24.36 -17.19 20.24
C SER B 144 -23.39 -18.37 20.09
N LEU B 145 -22.18 -18.22 20.62
CA LEU B 145 -21.20 -19.29 20.53
C LEU B 145 -21.74 -20.65 20.99
N THR B 146 -22.64 -20.61 21.96
CA THR B 146 -23.25 -21.83 22.50
C THR B 146 -24.19 -22.53 21.50
N ASN B 147 -24.53 -21.85 20.41
CA ASN B 147 -25.40 -22.43 19.40
C ASN B 147 -24.59 -23.15 18.31
N ILE B 148 -23.27 -23.03 18.40
CA ILE B 148 -22.39 -23.67 17.42
C ILE B 148 -22.13 -25.14 17.75
N LYS B 149 -22.49 -26.01 16.80
CA LYS B 149 -22.30 -27.45 16.97
C LYS B 149 -20.91 -27.85 16.46
N ARG B 150 -20.55 -27.32 15.29
CA ARG B 150 -19.26 -27.61 14.66
C ARG B 150 -18.93 -26.60 13.56
N TRP B 151 -17.67 -26.59 13.14
CA TRP B 151 -17.20 -25.68 12.12
C TRP B 151 -16.10 -26.33 11.27
N ALA B 152 -16.02 -25.93 10.01
CA ALA B 152 -15.02 -26.46 9.09
C ALA B 152 -14.21 -25.32 8.48
N ALA B 153 -12.89 -25.45 8.54
CA ALA B 153 -12.00 -24.43 7.99
C ALA B 153 -11.15 -24.93 6.84
N SER B 154 -11.40 -24.41 5.64
CA SER B 154 -10.62 -24.79 4.49
C SER B 154 -9.80 -23.54 4.12
N PRO B 155 -8.72 -23.73 3.35
CA PRO B 155 -7.87 -22.60 2.96
C PRO B 155 -8.56 -21.65 1.96
N LYS B 156 -9.82 -21.93 1.66
CA LYS B 156 -10.58 -21.13 0.72
C LYS B 156 -11.95 -20.72 1.27
N SER B 157 -12.29 -21.24 2.45
CA SER B 157 -13.58 -20.92 3.05
C SER B 157 -13.71 -21.37 4.50
N PHE B 158 -14.79 -20.92 5.15
CA PHE B 158 -15.08 -21.27 6.54
C PHE B 158 -16.56 -21.58 6.67
N THR B 159 -16.88 -22.63 7.42
CA THR B 159 -18.28 -23.00 7.58
C THR B 159 -18.68 -23.18 9.03
N LEU B 160 -19.90 -22.76 9.34
CA LEU B 160 -20.44 -22.85 10.69
C LEU B 160 -21.72 -23.69 10.73
N ASP B 161 -21.75 -24.67 11.64
CA ASP B 161 -22.89 -25.54 11.78
C ASP B 161 -23.55 -25.30 13.13
N PHE B 162 -24.76 -24.75 13.10
CA PHE B 162 -25.50 -24.45 14.32
C PHE B 162 -26.45 -25.59 14.67
N GLY B 163 -26.41 -26.66 13.88
CA GLY B 163 -27.26 -27.82 14.13
C GLY B 163 -28.74 -27.52 14.38
N ASP B 164 -29.12 -27.50 15.65
CA ASP B 164 -30.51 -27.28 16.09
C ASP B 164 -30.97 -25.84 16.24
N TYR B 165 -30.50 -24.94 15.38
CA TYR B 165 -30.91 -23.54 15.50
C TYR B 165 -31.65 -23.06 14.26
N GLN B 166 -31.03 -23.30 13.11
CA GLN B 166 -31.57 -22.87 11.82
C GLN B 166 -31.27 -23.95 10.77
N ASP B 167 -31.96 -23.91 9.64
CA ASP B 167 -31.71 -24.89 8.58
C ASP B 167 -30.48 -24.45 7.80
N GLY B 168 -29.67 -25.42 7.39
CA GLY B 168 -28.48 -25.11 6.62
C GLY B 168 -27.39 -24.44 7.43
N TYR B 169 -26.19 -24.39 6.85
CA TYR B 169 -25.04 -23.79 7.49
C TYR B 169 -24.88 -22.32 7.15
N TYR B 170 -23.63 -21.89 7.18
CA TYR B 170 -23.25 -20.52 6.86
C TYR B 170 -21.82 -20.58 6.36
N SER B 171 -21.64 -20.54 5.05
CA SER B 171 -20.31 -20.60 4.47
C SER B 171 -19.94 -19.29 3.82
N VAL B 172 -18.65 -18.99 3.84
CA VAL B 172 -18.16 -17.76 3.23
C VAL B 172 -16.80 -18.04 2.61
N GLN B 173 -16.40 -17.19 1.66
CA GLN B 173 -15.12 -17.33 0.99
C GLN B 173 -14.09 -16.46 1.72
N THR B 174 -12.99 -17.07 2.14
CA THR B 174 -11.93 -16.34 2.84
C THR B 174 -10.63 -17.12 2.89
N THR B 175 -9.52 -16.41 3.01
CA THR B 175 -8.21 -17.06 3.09
C THR B 175 -7.76 -17.16 4.54
N GLU B 176 -8.64 -16.71 5.43
CA GLU B 176 -8.37 -16.73 6.86
C GLU B 176 -9.30 -17.69 7.59
N GLY B 177 -9.78 -18.70 6.88
CA GLY B 177 -10.68 -19.67 7.51
C GLY B 177 -10.00 -20.26 8.73
N GLU B 178 -8.68 -20.35 8.69
CA GLU B 178 -7.92 -20.91 9.79
C GLU B 178 -7.89 -19.96 10.97
N GLN B 179 -7.60 -18.69 10.70
CA GLN B 179 -7.52 -17.67 11.73
C GLN B 179 -8.85 -17.54 12.46
N ILE B 180 -9.93 -17.50 11.70
CA ILE B 180 -11.27 -17.38 12.26
C ILE B 180 -11.61 -18.58 13.12
N ALA B 181 -11.39 -19.78 12.57
CA ALA B 181 -11.67 -21.01 13.30
C ALA B 181 -10.94 -21.05 14.63
N GLN B 182 -9.64 -20.78 14.62
CA GLN B 182 -8.87 -20.81 15.86
C GLN B 182 -9.43 -19.84 16.88
N LEU B 183 -9.85 -18.67 16.40
CA LEU B 183 -10.41 -17.63 17.27
C LEU B 183 -11.62 -18.15 18.01
N ILE B 184 -12.51 -18.81 17.28
CA ILE B 184 -13.73 -19.36 17.85
C ILE B 184 -13.45 -20.49 18.84
N ALA B 185 -12.62 -21.44 18.42
CA ALA B 185 -12.25 -22.56 19.27
C ALA B 185 -11.76 -22.05 20.63
N GLY B 186 -10.83 -21.10 20.60
CA GLY B 186 -10.31 -20.54 21.83
C GLY B 186 -11.39 -19.98 22.74
N TYR B 187 -12.26 -19.13 22.20
CA TYR B 187 -13.34 -18.54 22.98
C TYR B 187 -14.26 -19.60 23.59
N ILE B 188 -14.64 -20.58 22.79
CA ILE B 188 -15.50 -21.66 23.25
C ILE B 188 -14.82 -22.45 24.37
N ASP B 189 -13.52 -22.68 24.25
CA ASP B 189 -12.75 -23.41 25.27
C ASP B 189 -12.78 -22.77 26.66
N ILE B 190 -12.91 -21.45 26.72
CA ILE B 190 -12.93 -20.75 28.01
C ILE B 190 -14.31 -20.73 28.67
N ILE B 191 -15.36 -20.78 27.85
CA ILE B 191 -16.72 -20.76 28.35
C ILE B 191 -17.06 -21.91 29.31
N LEU B 192 -16.77 -23.14 28.89
CA LEU B 192 -17.05 -24.32 29.72
C LEU B 192 -16.23 -24.32 31.01
N SER C 4 -11.51 -30.98 7.79
CA SER C 4 -13.00 -31.12 7.84
C SER C 4 -13.58 -30.57 9.16
N TRP C 5 -14.78 -31.04 9.50
CA TRP C 5 -15.48 -30.61 10.69
C TRP C 5 -14.72 -30.62 12.01
N VAL C 6 -15.04 -29.64 12.86
CA VAL C 6 -14.46 -29.52 14.19
C VAL C 6 -15.67 -29.24 15.08
N TYR C 7 -15.87 -30.07 16.11
CA TYR C 7 -17.02 -29.91 16.99
C TYR C 7 -16.85 -29.05 18.23
N SER C 8 -17.92 -28.35 18.59
CA SER C 8 -17.90 -27.48 19.76
C SER C 8 -18.22 -28.25 21.03
N PRO C 9 -17.28 -28.23 21.99
CA PRO C 9 -17.46 -28.95 23.26
C PRO C 9 -18.76 -28.57 23.98
N LEU C 10 -19.30 -27.38 23.68
CA LEU C 10 -20.53 -26.93 24.31
C LEU C 10 -21.74 -27.80 23.99
N HIS C 11 -21.75 -28.45 22.83
CA HIS C 11 -22.86 -29.31 22.48
C HIS C 11 -22.65 -30.77 22.91
N TYR C 12 -21.65 -30.99 23.77
CA TYR C 12 -21.34 -32.31 24.28
C TYR C 12 -22.16 -32.50 25.56
N SER C 13 -22.50 -33.74 25.88
CA SER C 13 -23.29 -33.99 27.08
C SER C 13 -22.53 -33.55 28.33
N ALA C 14 -23.27 -33.19 29.36
CA ALA C 14 -22.69 -32.75 30.63
C ALA C 14 -21.61 -33.70 31.15
N PRO D 1 -21.83 -35.03 31.04
CA PRO D 1 -20.84 -36.00 31.51
C PRO D 1 -19.52 -35.98 30.73
N VAL D 2 -19.62 -35.83 29.41
CA VAL D 2 -18.43 -35.77 28.56
C VAL D 2 -17.67 -34.49 28.90
N GLN D 3 -18.38 -33.38 29.06
CA GLN D 3 -17.74 -32.11 29.38
C GLN D 3 -17.06 -32.23 30.73
N LEU D 4 -17.68 -32.98 31.64
CA LEU D 4 -17.14 -33.19 32.99
C LEU D 4 -15.81 -33.90 32.89
N ASN D 5 -15.73 -34.87 32.01
CA ASN D 5 -14.49 -35.60 31.86
C ASN D 5 -13.40 -34.69 31.31
N LEU D 6 -13.74 -33.84 30.35
CA LEU D 6 -12.75 -32.95 29.78
C LEU D 6 -12.25 -32.02 30.88
N LEU D 7 -13.16 -31.43 31.63
CA LEU D 7 -12.77 -30.55 32.72
C LEU D 7 -11.90 -31.32 33.71
N TYR D 8 -12.20 -32.60 33.92
CA TYR D 8 -11.45 -33.43 34.85
C TYR D 8 -10.02 -33.67 34.41
N VAL D 9 -9.85 -34.20 33.20
CA VAL D 9 -8.53 -34.47 32.66
C VAL D 9 -7.63 -33.24 32.71
N GLN D 10 -8.20 -32.07 32.43
CA GLN D 10 -7.43 -30.83 32.45
C GLN D 10 -6.94 -30.52 33.85
N ALA D 11 -7.87 -30.43 34.79
CA ALA D 11 -7.55 -30.13 36.17
C ALA D 11 -6.55 -31.10 36.78
N ARG D 12 -6.69 -32.38 36.44
CA ARG D 12 -5.82 -33.43 36.94
C ARG D 12 -4.41 -33.27 36.38
N ASP D 13 -4.30 -33.22 35.05
CA ASP D 13 -3.01 -33.07 34.39
C ASP D 13 -2.26 -31.83 34.86
N ASP D 14 -2.98 -30.72 35.04
CA ASP D 14 -2.35 -29.49 35.52
C ASP D 14 -1.75 -29.70 36.90
N ILE D 15 -2.40 -30.53 37.70
CA ILE D 15 -1.93 -30.81 39.05
C ILE D 15 -0.74 -31.78 39.04
N LEU D 16 -0.84 -32.82 38.22
CA LEU D 16 0.20 -33.83 38.10
C LEU D 16 1.50 -33.33 37.44
N ASN D 17 1.39 -32.44 36.45
CA ASN D 17 2.58 -31.94 35.77
C ASN D 17 3.19 -30.70 36.42
N GLY D 18 2.56 -30.21 37.49
CA GLY D 18 3.09 -29.05 38.18
C GLY D 18 2.50 -27.70 37.84
N SER D 19 1.78 -27.61 36.72
CA SER D 19 1.17 -26.36 36.29
C SER D 19 0.37 -25.72 37.42
N HIS D 20 -0.36 -26.55 38.16
CA HIS D 20 -1.19 -26.08 39.26
C HIS D 20 -0.54 -26.49 40.57
N PRO D 21 0.20 -25.55 41.20
CA PRO D 21 0.89 -25.80 42.47
C PRO D 21 -0.06 -25.99 43.65
N VAL D 22 0.00 -27.15 44.29
CA VAL D 22 -0.86 -27.42 45.44
C VAL D 22 -0.01 -27.99 46.56
N SER D 23 -0.53 -27.92 47.77
CA SER D 23 0.17 -28.46 48.94
C SER D 23 0.16 -29.98 48.95
N PHE D 24 1.07 -30.57 49.72
CA PHE D 24 1.17 -32.02 49.83
C PHE D 24 -0.17 -32.59 50.27
N ASP D 25 -0.81 -31.95 51.25
CA ASP D 25 -2.12 -32.40 51.75
C ASP D 25 -3.20 -32.43 50.67
N LYS D 26 -3.18 -31.44 49.78
CA LYS D 26 -4.18 -31.37 48.72
C LYS D 26 -3.85 -32.32 47.56
N ALA D 27 -2.55 -32.54 47.31
CA ALA D 27 -2.14 -33.45 46.25
C ALA D 27 -2.62 -34.87 46.58
N CYS D 28 -2.65 -35.18 47.88
CA CYS D 28 -3.08 -36.49 48.35
C CYS D 28 -4.61 -36.58 48.32
N GLU D 29 -5.28 -35.49 48.63
CA GLU D 29 -6.73 -35.48 48.58
C GLU D 29 -7.14 -35.78 47.14
N PHE D 30 -6.59 -35.03 46.20
CA PHE D 30 -6.88 -35.22 44.79
C PHE D 30 -6.62 -36.68 44.38
N ALA D 31 -5.40 -37.15 44.65
CA ALA D 31 -5.01 -38.53 44.35
C ALA D 31 -6.10 -39.48 44.82
N GLY D 32 -6.68 -39.18 45.99
CA GLY D 32 -7.74 -40.00 46.55
C GLY D 32 -8.94 -40.06 45.60
N PHE D 33 -9.34 -38.91 45.08
CA PHE D 33 -10.45 -38.88 44.15
C PHE D 33 -10.05 -39.61 42.87
N GLN D 34 -8.77 -39.50 42.51
CA GLN D 34 -8.25 -40.15 41.33
C GLN D 34 -8.23 -41.68 41.50
N CYS D 35 -8.09 -42.14 42.73
CA CYS D 35 -8.11 -43.57 43.00
C CYS D 35 -9.52 -44.09 42.83
N GLN D 36 -10.47 -43.40 43.47
CA GLN D 36 -11.88 -43.75 43.40
C GLN D 36 -12.32 -43.83 41.94
N ILE D 37 -11.93 -42.82 41.17
CA ILE D 37 -12.29 -42.74 39.76
C ILE D 37 -11.71 -43.83 38.86
N GLN D 38 -10.46 -44.22 39.09
CA GLN D 38 -9.81 -45.26 38.28
C GLN D 38 -9.98 -46.68 38.83
N PHE D 39 -10.23 -46.83 40.12
CA PHE D 39 -10.36 -48.15 40.71
C PHE D 39 -11.72 -48.41 41.32
N GLY D 40 -12.41 -47.34 41.72
CA GLY D 40 -13.71 -47.49 42.33
C GLY D 40 -13.51 -47.42 43.83
N PRO D 41 -14.53 -47.74 44.65
CA PRO D 41 -14.42 -47.69 46.12
C PRO D 41 -13.13 -48.37 46.59
N HIS D 42 -12.64 -47.98 47.76
CA HIS D 42 -11.41 -48.57 48.27
C HIS D 42 -11.62 -49.99 48.81
N ASN D 43 -10.76 -50.91 48.40
CA ASN D 43 -10.83 -52.29 48.85
C ASN D 43 -9.51 -52.68 49.53
N GLU D 44 -9.59 -52.93 50.83
CA GLU D 44 -8.44 -53.30 51.63
C GLU D 44 -7.58 -54.44 51.06
N GLN D 45 -8.23 -55.46 50.50
CA GLN D 45 -7.52 -56.61 49.96
C GLN D 45 -6.97 -56.48 48.55
N LYS D 46 -7.44 -55.47 47.83
CA LYS D 46 -6.98 -55.27 46.46
C LYS D 46 -6.06 -54.05 46.37
N HIS D 47 -6.36 -53.04 47.19
CA HIS D 47 -5.60 -51.80 47.20
C HIS D 47 -4.71 -51.70 48.43
N LYS D 48 -3.63 -52.47 48.46
CA LYS D 48 -2.73 -52.43 49.59
C LYS D 48 -1.37 -51.85 49.23
N ALA D 49 -0.63 -51.45 50.26
CA ALA D 49 0.67 -50.86 50.11
C ALA D 49 1.46 -51.40 48.92
N GLY D 50 2.07 -50.50 48.13
CA GLY D 50 2.84 -50.91 46.98
C GLY D 50 1.99 -50.99 45.73
N PHE D 51 0.68 -51.00 45.92
CA PHE D 51 -0.26 -51.07 44.81
C PHE D 51 -0.17 -49.86 43.89
N LEU D 52 -0.12 -48.65 44.47
CA LEU D 52 -0.05 -47.42 43.70
C LEU D 52 1.32 -46.99 43.19
N ASP D 53 1.34 -46.57 41.94
CA ASP D 53 2.56 -46.08 41.30
C ASP D 53 2.50 -44.56 41.54
N LEU D 54 3.06 -44.13 42.67
CA LEU D 54 3.04 -42.71 43.06
C LEU D 54 3.37 -41.67 42.00
N LYS D 55 4.06 -42.08 40.95
CA LYS D 55 4.41 -41.14 39.87
C LYS D 55 3.20 -40.74 39.05
N ASP D 56 2.15 -41.56 39.11
CA ASP D 56 0.94 -41.27 38.34
C ASP D 56 -0.22 -40.73 39.17
N PHE D 57 0.03 -40.45 40.44
CA PHE D 57 -1.00 -39.94 41.32
C PHE D 57 -0.60 -38.67 42.08
N LEU D 58 0.69 -38.34 42.02
CA LEU D 58 1.20 -37.16 42.70
C LEU D 58 2.12 -36.32 41.82
N PRO D 59 2.20 -35.01 42.12
CA PRO D 59 3.08 -34.14 41.33
C PRO D 59 4.50 -34.60 41.68
N LYS D 60 5.41 -34.52 40.72
CA LYS D 60 6.80 -34.92 40.94
C LYS D 60 7.32 -34.62 42.36
N GLU D 61 7.35 -33.35 42.72
CA GLU D 61 7.85 -32.92 44.03
C GLU D 61 7.34 -33.70 45.26
N TYR D 62 6.32 -34.52 45.08
CA TYR D 62 5.75 -35.28 46.20
C TYR D 62 5.93 -36.80 46.12
N VAL D 63 6.50 -37.28 45.02
CA VAL D 63 6.67 -38.73 44.86
C VAL D 63 7.45 -39.42 45.96
N LYS D 64 8.60 -38.87 46.35
CA LYS D 64 9.41 -39.49 47.40
C LYS D 64 8.99 -39.07 48.82
N GLN D 65 7.75 -38.65 48.96
CA GLN D 65 7.23 -38.22 50.26
C GLN D 65 6.51 -39.29 51.06
N LYS D 66 6.45 -40.51 50.51
CA LYS D 66 5.78 -41.60 51.20
C LYS D 66 4.40 -41.14 51.67
N GLY D 67 3.53 -40.86 50.71
CA GLY D 67 2.19 -40.40 51.05
C GLY D 67 1.11 -41.38 50.64
N GLU D 68 1.51 -42.58 50.23
CA GLU D 68 0.55 -43.60 49.80
C GLU D 68 -0.48 -43.88 50.89
N ARG D 69 -0.12 -43.63 52.14
CA ARG D 69 -1.05 -43.87 53.23
C ARG D 69 -2.11 -42.77 53.23
N LYS D 70 -1.66 -41.53 53.00
CA LYS D 70 -2.56 -40.37 52.97
C LYS D 70 -3.54 -40.43 51.80
N ILE D 71 -3.08 -41.00 50.68
CA ILE D 71 -3.91 -41.14 49.49
C ILE D 71 -4.98 -42.20 49.73
N PHE D 72 -4.57 -43.32 50.30
CA PHE D 72 -5.50 -44.41 50.60
C PHE D 72 -6.51 -43.96 51.63
N GLN D 73 -6.08 -43.06 52.51
CA GLN D 73 -6.94 -42.50 53.56
C GLN D 73 -7.99 -41.62 52.90
N ALA D 74 -7.57 -40.89 51.86
CA ALA D 74 -8.46 -40.00 51.12
C ALA D 74 -9.35 -40.84 50.22
N HIS D 75 -8.79 -41.90 49.67
CA HIS D 75 -9.55 -42.79 48.82
C HIS D 75 -10.63 -43.45 49.65
N LYS D 76 -10.23 -43.95 50.81
CA LYS D 76 -11.14 -44.61 51.74
C LYS D 76 -12.32 -43.71 52.10
N ASN D 77 -12.04 -42.46 52.48
CA ASN D 77 -13.10 -41.54 52.87
C ASN D 77 -14.15 -41.26 51.79
N CYS D 78 -13.84 -41.61 50.54
CA CYS D 78 -14.79 -41.40 49.44
C CYS D 78 -15.93 -42.40 49.50
N GLY D 79 -15.76 -43.44 50.31
CA GLY D 79 -16.80 -44.43 50.43
C GLY D 79 -17.18 -45.05 49.10
N GLN D 80 -18.48 -45.10 48.83
CA GLN D 80 -19.00 -45.69 47.61
C GLN D 80 -19.36 -44.64 46.57
N MET D 81 -18.74 -43.47 46.69
CA MET D 81 -18.95 -42.35 45.79
C MET D 81 -18.75 -42.81 44.34
N SER D 82 -19.62 -42.35 43.44
CA SER D 82 -19.51 -42.74 42.04
C SER D 82 -18.42 -41.95 41.33
N GLU D 83 -17.99 -42.48 40.19
CA GLU D 83 -16.95 -41.86 39.37
C GLU D 83 -17.33 -40.42 39.01
N ILE D 84 -18.59 -40.23 38.63
CA ILE D 84 -19.04 -38.90 38.27
C ILE D 84 -18.99 -37.92 39.43
N GLU D 85 -19.35 -38.37 40.62
CA GLU D 85 -19.32 -37.49 41.77
C GLU D 85 -17.87 -37.17 42.16
N ALA D 86 -17.00 -38.18 42.11
CA ALA D 86 -15.61 -37.97 42.47
C ALA D 86 -15.01 -36.94 41.53
N LYS D 87 -15.32 -37.08 40.24
CA LYS D 87 -14.84 -36.16 39.23
C LYS D 87 -15.30 -34.74 39.54
N VAL D 88 -16.61 -34.58 39.80
CA VAL D 88 -17.16 -33.28 40.11
C VAL D 88 -16.45 -32.65 41.30
N ARG D 89 -16.25 -33.44 42.35
CA ARG D 89 -15.57 -32.97 43.55
C ARG D 89 -14.12 -32.62 43.27
N TYR D 90 -13.48 -33.40 42.41
CA TYR D 90 -12.09 -33.15 42.07
C TYR D 90 -11.98 -31.74 41.49
N VAL D 91 -12.77 -31.49 40.46
CA VAL D 91 -12.77 -30.20 39.77
C VAL D 91 -13.13 -29.02 40.66
N LYS D 92 -14.13 -29.20 41.52
CA LYS D 92 -14.53 -28.12 42.42
C LYS D 92 -13.41 -27.84 43.40
N LEU D 93 -12.78 -28.89 43.91
CA LEU D 93 -11.68 -28.69 44.85
C LEU D 93 -10.64 -27.83 44.17
N ALA D 94 -10.24 -28.25 42.98
CA ALA D 94 -9.23 -27.55 42.18
C ALA D 94 -9.60 -26.09 41.94
N ARG D 95 -10.88 -25.84 41.67
CA ARG D 95 -11.35 -24.49 41.40
C ARG D 95 -11.49 -23.60 42.64
N SER D 96 -11.57 -24.22 43.80
CA SER D 96 -11.70 -23.47 45.04
C SER D 96 -10.34 -23.05 45.57
N LEU D 97 -9.28 -23.54 44.94
CA LEU D 97 -7.94 -23.20 45.40
C LEU D 97 -7.44 -21.85 44.90
N LYS D 98 -6.86 -21.09 45.82
CA LYS D 98 -6.32 -19.78 45.53
C LYS D 98 -5.35 -19.82 44.34
N THR D 99 -4.61 -20.94 44.21
CA THR D 99 -3.63 -21.10 43.15
C THR D 99 -4.21 -21.54 41.78
N TYR D 100 -5.52 -21.77 41.74
CA TYR D 100 -6.17 -22.18 40.52
C TYR D 100 -6.19 -21.08 39.45
N GLY D 101 -5.73 -21.44 38.24
CA GLY D 101 -5.70 -20.51 37.13
C GLY D 101 -4.68 -19.39 37.23
N VAL D 102 -3.56 -19.67 37.87
CA VAL D 102 -2.50 -18.69 38.06
C VAL D 102 -1.22 -19.15 37.38
N SER D 103 -0.61 -18.26 36.61
CA SER D 103 0.65 -18.56 35.95
C SER D 103 1.72 -18.37 37.02
N PHE D 104 2.49 -19.42 37.29
CA PHE D 104 3.55 -19.33 38.28
C PHE D 104 4.94 -19.38 37.70
N PHE D 105 5.87 -18.78 38.43
CA PHE D 105 7.28 -18.76 38.07
C PHE D 105 8.00 -19.10 39.36
N LEU D 106 9.10 -19.82 39.25
CA LEU D 106 9.88 -20.17 40.42
C LEU D 106 11.02 -19.17 40.53
N VAL D 107 10.94 -18.30 41.54
CA VAL D 107 11.95 -17.28 41.76
C VAL D 107 12.68 -17.55 43.08
N LYS D 108 13.48 -16.58 43.51
CA LYS D 108 14.24 -16.73 44.75
C LYS D 108 14.21 -15.43 45.54
N GLU D 109 13.90 -15.52 46.83
CA GLU D 109 13.85 -14.34 47.69
C GLU D 109 15.05 -14.25 48.62
N LYS D 110 15.66 -13.09 48.69
CA LYS D 110 16.81 -12.86 49.55
C LYS D 110 16.36 -12.08 50.78
N MET D 111 16.08 -12.77 51.87
CA MET D 111 15.65 -12.13 53.10
C MET D 111 16.42 -12.51 54.35
N LYS D 112 16.41 -11.59 55.32
CA LYS D 112 17.10 -11.71 56.60
C LYS D 112 17.09 -13.09 57.18
N GLY D 113 17.83 -13.22 58.29
CA GLY D 113 17.94 -14.49 58.97
C GLY D 113 19.13 -15.25 58.41
N LYS D 114 19.54 -14.86 57.20
CA LYS D 114 20.66 -15.50 56.54
C LYS D 114 21.02 -14.73 55.27
N ASN D 115 21.95 -15.31 54.52
CA ASN D 115 22.42 -14.72 53.26
C ASN D 115 21.96 -15.62 52.13
N LYS D 116 21.32 -16.72 52.47
CA LYS D 116 20.83 -17.67 51.50
C LYS D 116 19.52 -17.16 50.89
N LEU D 117 19.19 -17.63 49.69
CA LEU D 117 17.97 -17.21 49.02
C LEU D 117 16.87 -18.25 49.18
N VAL D 118 15.70 -17.79 49.62
CA VAL D 118 14.53 -18.63 49.84
C VAL D 118 13.70 -18.77 48.57
N PRO D 119 13.59 -20.00 48.03
CA PRO D 119 12.80 -20.25 46.81
C PRO D 119 11.33 -19.90 47.05
N ARG D 120 10.74 -19.16 46.12
CA ARG D 120 9.35 -18.74 46.26
C ARG D 120 8.55 -18.91 44.98
N LEU D 121 7.23 -19.01 45.11
CA LEU D 121 6.36 -19.14 43.95
C LEU D 121 5.70 -17.79 43.71
N LEU D 122 5.87 -17.29 42.49
CA LEU D 122 5.30 -16.01 42.11
C LEU D 122 4.17 -16.23 41.11
N GLY D 123 2.97 -15.84 41.49
CA GLY D 123 1.82 -16.01 40.61
C GLY D 123 1.29 -14.72 40.02
N ILE D 124 0.88 -14.78 38.75
CA ILE D 124 0.34 -13.60 38.07
C ILE D 124 -1.02 -13.92 37.47
N THR D 125 -1.96 -13.01 37.64
CA THR D 125 -3.30 -13.19 37.11
C THR D 125 -3.73 -11.89 36.45
N LYS D 126 -4.79 -11.96 35.66
CA LYS D 126 -5.29 -10.80 34.96
C LYS D 126 -5.69 -9.70 35.92
N GLU D 127 -5.56 -9.94 37.22
CA GLU D 127 -5.92 -8.91 38.18
C GLU D 127 -5.07 -8.82 39.43
N CYS D 128 -4.00 -9.62 39.49
CA CYS D 128 -3.13 -9.55 40.66
C CYS D 128 -1.86 -10.39 40.54
N VAL D 129 -0.94 -10.14 41.47
CA VAL D 129 0.33 -10.83 41.58
C VAL D 129 0.34 -11.35 43.01
N MET D 130 0.78 -12.60 43.20
CA MET D 130 0.79 -13.16 44.55
C MET D 130 2.10 -13.84 44.92
N ARG D 131 2.33 -13.95 46.22
CA ARG D 131 3.51 -14.60 46.75
C ARG D 131 3.02 -15.91 47.33
N VAL D 132 3.53 -17.02 46.80
CA VAL D 132 3.09 -18.32 47.28
C VAL D 132 4.21 -19.17 47.85
N ASP D 133 3.97 -19.71 49.04
CA ASP D 133 4.96 -20.55 49.69
C ASP D 133 5.32 -21.72 48.79
N GLU D 134 6.61 -21.87 48.53
CA GLU D 134 7.12 -22.92 47.66
C GLU D 134 6.77 -24.32 48.16
N LYS D 135 6.55 -24.47 49.46
CA LYS D 135 6.24 -25.77 50.05
C LYS D 135 4.75 -25.94 50.38
N THR D 136 4.25 -25.09 51.28
CA THR D 136 2.85 -25.15 51.70
C THR D 136 1.87 -24.68 50.64
N LYS D 137 2.38 -23.90 49.70
CA LYS D 137 1.57 -23.36 48.61
C LYS D 137 0.57 -22.36 49.16
N GLU D 138 0.80 -21.90 50.38
CA GLU D 138 -0.09 -20.93 51.00
C GLU D 138 0.23 -19.55 50.45
N VAL D 139 -0.81 -18.74 50.29
CA VAL D 139 -0.61 -17.39 49.79
C VAL D 139 -0.11 -16.48 50.89
N ILE D 140 1.17 -16.15 50.81
CA ILE D 140 1.80 -15.29 51.80
C ILE D 140 1.27 -13.87 51.66
N GLN D 141 1.49 -13.29 50.48
CA GLN D 141 1.08 -11.93 50.20
C GLN D 141 0.52 -11.80 48.79
N GLU D 142 -0.46 -10.91 48.62
CA GLU D 142 -1.09 -10.69 47.33
C GLU D 142 -1.27 -9.21 47.04
N TRP D 143 -1.01 -8.83 45.79
CA TRP D 143 -1.11 -7.44 45.33
C TRP D 143 -2.06 -7.31 44.14
N SER D 144 -2.65 -6.13 43.99
CA SER D 144 -3.57 -5.86 42.89
C SER D 144 -2.81 -5.15 41.79
N LEU D 145 -2.92 -5.64 40.55
CA LEU D 145 -2.22 -5.01 39.43
C LEU D 145 -2.38 -3.50 39.42
N THR D 146 -3.48 -3.00 39.98
CA THR D 146 -3.75 -1.57 40.02
C THR D 146 -2.83 -0.81 40.98
N ASN D 147 -2.16 -1.53 41.89
CA ASN D 147 -1.26 -0.89 42.85
C ASN D 147 0.17 -0.85 42.31
N ILE D 148 0.36 -1.42 41.13
CA ILE D 148 1.69 -1.44 40.52
C ILE D 148 2.04 -0.12 39.82
N LYS D 149 2.99 0.62 40.39
CA LYS D 149 3.43 1.87 39.80
C LYS D 149 4.33 1.59 38.60
N ARG D 150 5.34 0.75 38.81
CA ARG D 150 6.27 0.41 37.75
C ARG D 150 6.96 -0.91 38.04
N TRP D 151 7.77 -1.36 37.09
CA TRP D 151 8.50 -2.61 37.24
C TRP D 151 9.78 -2.57 36.43
N ALA D 152 10.78 -3.32 36.88
CA ALA D 152 12.07 -3.39 36.20
C ALA D 152 12.48 -4.84 36.02
N ALA D 153 12.86 -5.19 34.81
CA ALA D 153 13.26 -6.55 34.50
C ALA D 153 14.68 -6.61 33.99
N SER D 154 15.49 -7.47 34.61
CA SER D 154 16.88 -7.64 34.19
C SER D 154 17.06 -9.14 34.00
N PRO D 155 17.99 -9.55 33.13
CA PRO D 155 18.23 -10.97 32.88
C PRO D 155 18.66 -11.79 34.10
N LYS D 156 18.52 -11.20 35.28
CA LYS D 156 18.91 -11.88 36.50
C LYS D 156 17.91 -11.62 37.64
N SER D 157 16.97 -10.72 37.41
CA SER D 157 16.00 -10.37 38.43
C SER D 157 14.76 -9.64 37.90
N PHE D 158 13.79 -9.42 38.79
CA PHE D 158 12.56 -8.73 38.44
C PHE D 158 12.09 -7.96 39.66
N THR D 159 11.83 -6.67 39.48
CA THR D 159 11.40 -5.82 40.59
C THR D 159 10.04 -5.16 40.38
N LEU D 160 9.26 -5.11 41.45
CA LEU D 160 7.94 -4.50 41.44
C LEU D 160 7.87 -3.32 42.39
N ASP D 161 7.37 -2.20 41.89
CA ASP D 161 7.22 -0.98 42.65
C ASP D 161 5.75 -0.59 42.78
N PHE D 162 5.20 -0.80 43.98
CA PHE D 162 3.80 -0.48 44.23
C PHE D 162 3.67 0.99 44.58
N GLY D 163 4.80 1.65 44.83
CA GLY D 163 4.77 3.07 45.14
C GLY D 163 4.13 3.46 46.46
N ASP D 164 2.88 3.93 46.38
CA ASP D 164 2.17 4.39 47.56
C ASP D 164 1.45 3.32 48.39
N TYR D 165 1.75 2.05 48.12
CA TYR D 165 1.09 0.98 48.84
C TYR D 165 1.88 0.55 50.08
N GLN D 166 3.11 0.13 49.85
CA GLN D 166 3.99 -0.32 50.91
C GLN D 166 5.36 0.33 50.73
N ASP D 167 6.19 0.25 51.76
CA ASP D 167 7.53 0.82 51.67
C ASP D 167 8.41 -0.25 51.04
N GLY D 168 9.45 0.17 50.34
CA GLY D 168 10.34 -0.78 49.70
C GLY D 168 9.69 -1.52 48.54
N TYR D 169 10.53 -2.11 47.69
CA TYR D 169 10.07 -2.85 46.52
C TYR D 169 9.85 -4.33 46.82
N TYR D 170 9.99 -5.13 45.77
CA TYR D 170 9.86 -6.57 45.86
C TYR D 170 10.73 -7.14 44.75
N SER D 171 11.96 -7.51 45.11
CA SER D 171 12.93 -8.04 44.14
C SER D 171 13.14 -9.54 44.30
N VAL D 172 13.22 -10.25 43.19
CA VAL D 172 13.44 -11.69 43.20
C VAL D 172 14.43 -12.09 42.12
N GLN D 173 15.18 -13.15 42.37
CA GLN D 173 16.17 -13.64 41.42
C GLN D 173 15.46 -14.56 40.43
N THR D 174 15.67 -14.33 39.14
CA THR D 174 15.03 -15.14 38.12
C THR D 174 15.69 -14.89 36.76
N THR D 175 15.56 -15.85 35.86
CA THR D 175 16.12 -15.71 34.52
C THR D 175 14.92 -15.48 33.61
N GLU D 176 13.75 -15.33 34.22
CA GLU D 176 12.50 -15.13 33.50
C GLU D 176 11.89 -13.76 33.79
N GLY D 177 12.70 -12.81 34.22
CA GLY D 177 12.20 -11.47 34.51
C GLY D 177 11.45 -10.85 33.34
N GLU D 178 11.93 -11.16 32.13
CA GLU D 178 11.34 -10.67 30.88
C GLU D 178 9.96 -11.29 30.63
N GLN D 179 9.83 -12.59 30.90
CA GLN D 179 8.57 -13.30 30.70
C GLN D 179 7.52 -12.79 31.70
N ILE D 180 7.96 -12.63 32.94
CA ILE D 180 7.09 -12.14 34.01
C ILE D 180 6.62 -10.72 33.66
N ALA D 181 7.57 -9.86 33.32
CA ALA D 181 7.26 -8.47 32.98
C ALA D 181 6.27 -8.37 31.83
N GLN D 182 6.55 -9.09 30.74
CA GLN D 182 5.66 -9.06 29.58
C GLN D 182 4.25 -9.51 29.96
N LEU D 183 4.15 -10.53 30.80
CA LEU D 183 2.86 -11.04 31.23
C LEU D 183 2.05 -9.95 31.93
N ILE D 184 2.66 -9.31 32.92
CA ILE D 184 2.01 -8.25 33.68
C ILE D 184 1.62 -7.08 32.78
N ALA D 185 2.50 -6.71 31.86
CA ALA D 185 2.23 -5.61 30.96
C ALA D 185 0.99 -5.93 30.12
N GLY D 186 0.89 -7.17 29.68
CA GLY D 186 -0.26 -7.57 28.87
C GLY D 186 -1.58 -7.42 29.59
N TYR D 187 -1.61 -7.82 30.86
CA TYR D 187 -2.83 -7.73 31.67
C TYR D 187 -3.21 -6.30 32.02
N ILE D 188 -2.21 -5.48 32.37
CA ILE D 188 -2.47 -4.09 32.71
C ILE D 188 -2.99 -3.29 31.52
N ASP D 189 -2.59 -3.66 30.30
CA ASP D 189 -3.04 -2.96 29.11
C ASP D 189 -4.52 -3.20 28.84
N ILE D 190 -5.04 -4.32 29.31
CA ILE D 190 -6.43 -4.68 29.10
C ILE D 190 -7.38 -4.05 30.11
N ILE D 191 -6.88 -3.78 31.31
CA ILE D 191 -7.69 -3.19 32.37
C ILE D 191 -8.21 -1.78 32.06
N LEU D 192 -7.34 -0.91 31.53
CA LEU D 192 -7.75 0.47 31.23
C LEU D 192 -8.73 0.53 30.06
N SER E 4 17.75 31.74 9.03
CA SER E 4 16.66 31.37 8.07
C SER E 4 17.23 30.97 6.71
N TRP E 5 16.34 30.80 5.73
CA TRP E 5 16.70 30.40 4.38
C TRP E 5 18.06 30.85 3.83
N VAL E 6 18.64 29.96 3.02
CA VAL E 6 19.91 30.19 2.33
C VAL E 6 19.71 29.62 0.94
N TYR E 7 19.80 30.48 -0.07
CA TYR E 7 19.57 30.04 -1.45
C TYR E 7 20.73 29.42 -2.21
N SER E 8 20.37 28.49 -3.07
CA SER E 8 21.32 27.78 -3.91
C SER E 8 21.62 28.62 -5.15
N PRO E 9 22.90 28.85 -5.45
CA PRO E 9 23.27 29.64 -6.63
C PRO E 9 22.79 28.94 -7.90
N LEU E 10 22.81 27.61 -7.87
CA LEU E 10 22.40 26.79 -9.00
C LEU E 10 21.01 27.14 -9.53
N HIS E 11 20.16 27.71 -8.69
CA HIS E 11 18.82 28.08 -9.14
C HIS E 11 18.71 29.55 -9.50
N TYR E 12 19.85 30.20 -9.65
CA TYR E 12 19.88 31.60 -10.02
C TYR E 12 19.74 31.64 -11.53
N SER E 13 19.34 32.79 -12.06
CA SER E 13 19.18 32.93 -13.51
C SER E 13 20.56 32.88 -14.15
N ALA E 14 20.63 32.34 -15.36
CA ALA E 14 21.90 32.23 -16.07
C ALA E 14 22.69 33.52 -15.99
N PRO F 1 22.08 34.64 -16.40
CA PRO F 1 22.79 35.93 -16.36
C PRO F 1 23.41 36.24 -15.00
N VAL F 2 22.68 35.95 -13.92
CA VAL F 2 23.16 36.19 -12.56
C VAL F 2 24.33 35.28 -12.25
N GLN F 3 24.25 34.04 -12.71
CA GLN F 3 25.32 33.08 -12.49
C GLN F 3 26.53 33.52 -13.29
N LEU F 4 26.28 34.16 -14.43
CA LEU F 4 27.35 34.64 -15.29
C LEU F 4 28.15 35.73 -14.58
N ASN F 5 27.46 36.53 -13.77
CA ASN F 5 28.10 37.62 -13.04
C ASN F 5 28.95 37.12 -11.88
N LEU F 6 28.54 36.01 -11.28
CA LEU F 6 29.30 35.45 -10.17
C LEU F 6 30.59 34.85 -10.70
N LEU F 7 30.47 34.14 -11.82
CA LEU F 7 31.63 33.53 -12.46
C LEU F 7 32.58 34.63 -12.92
N TYR F 8 31.99 35.66 -13.52
CA TYR F 8 32.76 36.80 -14.01
C TYR F 8 33.55 37.42 -12.87
N VAL F 9 32.84 37.86 -11.84
CA VAL F 9 33.49 38.50 -10.70
C VAL F 9 34.65 37.68 -10.15
N GLN F 10 34.47 36.36 -10.06
CA GLN F 10 35.51 35.49 -9.53
C GLN F 10 36.74 35.45 -10.42
N ALA F 11 36.53 35.24 -11.72
CA ALA F 11 37.64 35.19 -12.67
C ALA F 11 38.40 36.51 -12.74
N ARG F 12 37.67 37.62 -12.70
CA ARG F 12 38.28 38.94 -12.78
C ARG F 12 39.12 39.31 -11.56
N ASP F 13 38.60 39.02 -10.37
CA ASP F 13 39.31 39.34 -9.14
C ASP F 13 40.57 38.48 -9.02
N ASP F 14 40.47 37.20 -9.37
CA ASP F 14 41.61 36.30 -9.30
C ASP F 14 42.74 36.82 -10.20
N ILE F 15 42.37 37.41 -11.33
CA ILE F 15 43.35 37.94 -12.26
C ILE F 15 43.96 39.23 -11.73
N LEU F 16 43.12 40.10 -11.17
CA LEU F 16 43.60 41.37 -10.65
C LEU F 16 44.46 41.23 -9.39
N ASN F 17 44.13 40.26 -8.53
CA ASN F 17 44.90 40.07 -7.30
C ASN F 17 46.08 39.09 -7.48
N GLY F 18 46.29 38.65 -8.72
CA GLY F 18 47.39 37.75 -9.01
C GLY F 18 47.21 36.29 -8.64
N SER F 19 46.04 35.92 -8.13
CA SER F 19 45.80 34.53 -7.77
C SER F 19 45.92 33.69 -9.03
N HIS F 20 45.52 34.29 -10.15
CA HIS F 20 45.59 33.64 -11.46
C HIS F 20 46.60 34.41 -12.29
N PRO F 21 47.83 33.86 -12.43
CA PRO F 21 48.91 34.47 -13.19
C PRO F 21 48.69 34.47 -14.71
N VAL F 22 48.66 35.65 -15.32
CA VAL F 22 48.46 35.77 -16.76
C VAL F 22 49.55 36.65 -17.38
N SER F 23 49.84 36.44 -18.67
CA SER F 23 50.84 37.24 -19.34
C SER F 23 50.36 38.68 -19.43
N PHE F 24 51.25 39.56 -19.84
CA PHE F 24 50.93 40.98 -20.00
C PHE F 24 49.89 41.11 -21.11
N ASP F 25 50.19 40.52 -22.27
CA ASP F 25 49.30 40.56 -23.42
C ASP F 25 47.89 40.16 -23.04
N LYS F 26 47.79 39.09 -22.27
CA LYS F 26 46.50 38.59 -21.83
C LYS F 26 45.83 39.51 -20.82
N ALA F 27 46.62 40.08 -19.91
CA ALA F 27 46.07 40.97 -18.88
C ALA F 27 45.43 42.20 -19.52
N CYS F 28 45.99 42.62 -20.65
CA CYS F 28 45.47 43.78 -21.37
C CYS F 28 44.21 43.37 -22.11
N GLU F 29 44.20 42.14 -22.59
CA GLU F 29 43.04 41.60 -23.30
C GLU F 29 41.85 41.62 -22.35
N PHE F 30 42.00 41.04 -21.17
CA PHE F 30 40.92 41.02 -20.18
C PHE F 30 40.45 42.45 -19.91
N ALA F 31 41.41 43.35 -19.65
CA ALA F 31 41.10 44.74 -19.39
C ALA F 31 40.13 45.24 -20.46
N GLY F 32 40.46 44.93 -21.71
CA GLY F 32 39.64 45.33 -22.84
C GLY F 32 38.18 44.92 -22.71
N PHE F 33 37.94 43.74 -22.14
CA PHE F 33 36.58 43.27 -21.91
C PHE F 33 36.02 44.01 -20.71
N GLN F 34 36.87 44.17 -19.69
CA GLN F 34 36.48 44.85 -18.48
C GLN F 34 35.97 46.25 -18.81
N CYS F 35 36.69 46.93 -19.69
CA CYS F 35 36.28 48.28 -20.08
C CYS F 35 34.94 48.25 -20.79
N GLN F 36 34.77 47.33 -21.73
CA GLN F 36 33.52 47.18 -22.46
C GLN F 36 32.35 47.00 -21.49
N ILE F 37 32.57 46.15 -20.49
CA ILE F 37 31.57 45.84 -19.47
C ILE F 37 31.23 46.98 -18.52
N GLN F 38 32.23 47.77 -18.15
CA GLN F 38 32.04 48.89 -17.23
C GLN F 38 31.72 50.23 -17.88
N PHE F 39 32.12 50.38 -19.14
CA PHE F 39 31.91 51.65 -19.84
C PHE F 39 31.08 51.54 -21.12
N GLY F 40 30.97 50.34 -21.67
CA GLY F 40 30.22 50.17 -22.88
C GLY F 40 31.16 50.33 -24.05
N PRO F 41 30.65 50.39 -25.30
CA PRO F 41 31.51 50.54 -26.48
C PRO F 41 32.56 51.62 -26.25
N HIS F 42 33.72 51.46 -26.88
CA HIS F 42 34.80 52.41 -26.73
C HIS F 42 34.47 53.73 -27.45
N ASN F 43 34.59 54.84 -26.71
CA ASN F 43 34.31 56.15 -27.26
C ASN F 43 35.57 57.02 -27.18
N GLU F 44 36.18 57.24 -28.34
CA GLU F 44 37.41 58.03 -28.44
C GLU F 44 37.39 59.35 -27.64
N GLN F 45 36.27 60.05 -27.68
CA GLN F 45 36.14 61.32 -26.99
C GLN F 45 35.91 61.24 -25.48
N LYS F 46 35.45 60.10 -25.01
CA LYS F 46 35.19 59.94 -23.59
C LYS F 46 36.23 59.07 -22.91
N HIS F 47 36.78 58.13 -23.67
CA HIS F 47 37.78 57.18 -23.19
C HIS F 47 39.16 57.50 -23.76
N LYS F 48 39.79 58.57 -23.26
CA LYS F 48 41.12 58.94 -23.75
C LYS F 48 42.19 58.79 -22.68
N ALA F 49 43.44 58.72 -23.14
CA ALA F 49 44.59 58.55 -22.26
C ALA F 49 44.46 59.20 -20.88
N GLY F 50 44.76 58.41 -19.84
CA GLY F 50 44.67 58.89 -18.48
C GLY F 50 43.31 58.63 -17.87
N PHE F 51 42.35 58.30 -18.72
CA PHE F 51 40.98 58.02 -18.28
C PHE F 51 40.93 56.82 -17.33
N LEU F 52 41.70 55.78 -17.64
CA LEU F 52 41.71 54.58 -16.82
C LEU F 52 42.65 54.60 -15.62
N ASP F 53 42.17 54.01 -14.54
CA ASP F 53 42.96 53.91 -13.32
C ASP F 53 43.55 52.49 -13.41
N LEU F 54 44.70 52.40 -14.07
CA LEU F 54 45.38 51.14 -14.28
C LEU F 54 45.46 50.17 -13.09
N LYS F 55 45.22 50.67 -11.88
CA LYS F 55 45.27 49.83 -10.70
C LYS F 55 44.04 48.91 -10.59
N ASP F 56 42.96 49.30 -11.25
CA ASP F 56 41.72 48.53 -11.22
C ASP F 56 41.44 47.76 -12.52
N PHE F 57 42.45 47.64 -13.37
CA PHE F 57 42.27 46.95 -14.65
C PHE F 57 43.43 46.01 -14.95
N LEU F 58 44.50 46.10 -14.18
CA LEU F 58 45.67 45.26 -14.37
C LEU F 58 46.28 44.73 -13.08
N PRO F 59 46.93 43.56 -13.17
CA PRO F 59 47.57 42.94 -12.01
C PRO F 59 48.72 43.85 -11.57
N LYS F 60 48.87 44.04 -10.27
CA LYS F 60 49.93 44.88 -9.71
C LYS F 60 51.20 44.88 -10.57
N GLU F 61 51.74 43.71 -10.82
CA GLU F 61 52.97 43.58 -11.60
C GLU F 61 52.95 44.21 -12.99
N TYR F 62 51.77 44.62 -13.46
CA TYR F 62 51.64 45.22 -14.78
C TYR F 62 51.24 46.68 -14.77
N VAL F 63 50.93 47.21 -13.60
CA VAL F 63 50.51 48.62 -13.52
C VAL F 63 51.50 49.61 -14.14
N LYS F 64 52.77 49.52 -13.79
CA LYS F 64 53.77 50.45 -14.33
C LYS F 64 54.32 50.03 -15.69
N GLN F 65 53.46 49.43 -16.53
CA GLN F 65 53.90 48.98 -17.85
C GLN F 65 53.38 49.84 -18.99
N LYS F 66 52.70 50.92 -18.67
CA LYS F 66 52.17 51.83 -19.68
C LYS F 66 51.44 51.05 -20.77
N GLY F 67 50.46 50.25 -20.37
CA GLY F 67 49.72 49.45 -21.33
C GLY F 67 48.30 49.93 -21.56
N GLU F 68 48.03 51.18 -21.21
CA GLU F 68 46.69 51.71 -21.40
C GLU F 68 46.31 51.68 -22.87
N ARG F 69 47.31 51.77 -23.74
CA ARG F 69 47.10 51.76 -25.18
C ARG F 69 46.66 50.37 -25.65
N LYS F 70 47.29 49.35 -25.09
CA LYS F 70 46.96 47.97 -25.44
C LYS F 70 45.57 47.63 -24.93
N ILE F 71 45.17 48.24 -23.82
CA ILE F 71 43.86 47.99 -23.24
C ILE F 71 42.79 48.61 -24.13
N PHE F 72 42.95 49.90 -24.43
CA PHE F 72 42.02 50.61 -25.28
C PHE F 72 41.94 49.92 -26.63
N GLN F 73 43.06 49.35 -27.07
CA GLN F 73 43.11 48.64 -28.35
C GLN F 73 42.20 47.42 -28.23
N ALA F 74 42.24 46.75 -27.09
CA ALA F 74 41.42 45.56 -26.85
C ALA F 74 39.97 45.96 -26.62
N HIS F 75 39.78 47.13 -26.01
CA HIS F 75 38.43 47.62 -25.74
C HIS F 75 37.81 48.03 -27.07
N LYS F 76 38.63 48.63 -27.92
CA LYS F 76 38.18 49.09 -29.22
C LYS F 76 37.76 47.91 -30.10
N ASN F 77 38.49 46.80 -30.03
CA ASN F 77 38.18 45.62 -30.83
C ASN F 77 36.92 44.90 -30.41
N CYS F 78 36.34 45.29 -29.27
CA CYS F 78 35.11 44.66 -28.80
C CYS F 78 33.92 45.11 -29.64
N GLY F 79 34.07 46.29 -30.26
CA GLY F 79 33.03 46.83 -31.10
C GLY F 79 31.82 47.26 -30.29
N GLN F 80 30.65 46.74 -30.67
CA GLN F 80 29.42 47.05 -29.96
C GLN F 80 28.96 45.86 -29.12
N MET F 81 29.94 45.05 -28.72
CA MET F 81 29.68 43.86 -27.91
C MET F 81 28.92 44.19 -26.63
N SER F 82 27.87 43.42 -26.37
CA SER F 82 27.03 43.62 -25.18
C SER F 82 27.76 43.20 -23.91
N GLU F 83 27.28 43.70 -22.77
CA GLU F 83 27.88 43.38 -21.48
C GLU F 83 27.91 41.87 -21.27
N ILE F 84 26.77 41.23 -21.50
CA ILE F 84 26.66 39.78 -21.34
C ILE F 84 27.70 39.04 -22.15
N GLU F 85 27.76 39.32 -23.45
CA GLU F 85 28.70 38.66 -24.33
C GLU F 85 30.15 38.81 -23.87
N ALA F 86 30.50 40.05 -23.50
CA ALA F 86 31.85 40.37 -23.02
C ALA F 86 32.17 39.57 -21.75
N LYS F 87 31.20 39.47 -20.85
CA LYS F 87 31.42 38.72 -19.61
C LYS F 87 31.65 37.24 -19.95
N VAL F 88 30.90 36.73 -20.93
CA VAL F 88 31.02 35.34 -21.36
C VAL F 88 32.44 35.10 -21.89
N ARG F 89 32.90 35.99 -22.78
CA ARG F 89 34.22 35.89 -23.37
C ARG F 89 35.33 35.97 -22.32
N TYR F 90 35.11 36.81 -21.30
CA TYR F 90 36.08 36.98 -20.22
C TYR F 90 36.30 35.65 -19.52
N VAL F 91 35.21 35.05 -19.06
CA VAL F 91 35.29 33.78 -18.35
C VAL F 91 35.91 32.70 -19.22
N LYS F 92 35.43 32.56 -20.46
CA LYS F 92 35.96 31.55 -21.36
C LYS F 92 37.45 31.70 -21.64
N LEU F 93 37.90 32.94 -21.79
CA LEU F 93 39.32 33.19 -22.04
C LEU F 93 40.13 32.76 -20.80
N ALA F 94 39.64 33.12 -19.63
CA ALA F 94 40.31 32.77 -18.38
C ALA F 94 40.34 31.26 -18.17
N ARG F 95 39.29 30.58 -18.60
CA ARG F 95 39.20 29.13 -18.47
C ARG F 95 40.03 28.40 -19.51
N SER F 96 40.30 29.07 -20.63
CA SER F 96 41.08 28.47 -21.71
C SER F 96 42.57 28.49 -21.45
N LEU F 97 43.01 29.33 -20.51
CA LEU F 97 44.42 29.44 -20.18
C LEU F 97 44.96 28.22 -19.43
N LYS F 98 46.27 27.99 -19.60
CA LYS F 98 46.97 26.87 -18.99
C LYS F 98 47.10 27.07 -17.49
N THR F 99 47.15 28.34 -17.09
CA THR F 99 47.30 28.69 -15.68
C THR F 99 46.00 28.78 -14.87
N TYR F 100 44.86 28.52 -15.51
CA TYR F 100 43.55 28.57 -14.86
C TYR F 100 43.32 27.41 -13.90
N GLY F 101 42.84 27.73 -12.70
CA GLY F 101 42.56 26.71 -11.71
C GLY F 101 43.78 26.03 -11.11
N VAL F 102 44.90 26.74 -11.09
CA VAL F 102 46.13 26.20 -10.54
C VAL F 102 46.56 27.00 -9.33
N SER F 103 46.89 26.32 -8.24
CA SER F 103 47.32 26.99 -7.02
C SER F 103 48.81 27.31 -7.15
N PHE F 104 49.12 28.58 -7.40
CA PHE F 104 50.50 29.02 -7.57
C PHE F 104 51.21 29.55 -6.34
N PHE F 105 52.50 29.23 -6.25
CA PHE F 105 53.36 29.68 -5.17
C PHE F 105 54.59 30.32 -5.80
N LEU F 106 54.99 31.48 -5.27
CA LEU F 106 56.16 32.18 -5.79
C LEU F 106 57.40 31.67 -5.07
N VAL F 107 58.18 30.87 -5.76
CA VAL F 107 59.40 30.32 -5.18
C VAL F 107 60.61 30.90 -5.88
N LYS F 108 61.79 30.40 -5.53
CA LYS F 108 63.01 30.88 -6.15
C LYS F 108 63.91 29.69 -6.48
N GLU F 109 64.43 29.67 -7.70
CA GLU F 109 65.32 28.58 -8.13
C GLU F 109 66.77 29.02 -8.12
N LYS F 110 67.63 28.14 -7.64
CA LYS F 110 69.06 28.40 -7.59
C LYS F 110 69.72 27.53 -8.64
N MET F 111 70.07 28.14 -9.77
CA MET F 111 70.71 27.40 -10.85
C MET F 111 72.08 27.99 -11.17
N LYS F 112 72.71 27.48 -12.22
CA LYS F 112 74.02 27.98 -12.60
C LYS F 112 73.86 29.28 -13.38
N GLY F 113 74.96 29.78 -13.94
CA GLY F 113 74.91 31.03 -14.67
C GLY F 113 75.17 32.15 -13.69
N LYS F 114 74.88 31.88 -12.43
CA LYS F 114 75.07 32.86 -11.36
C LYS F 114 74.75 32.27 -9.99
N ASN F 115 74.92 33.09 -8.96
CA ASN F 115 74.67 32.69 -7.59
C ASN F 115 73.33 33.26 -7.11
N LYS F 116 72.76 34.14 -7.93
CA LYS F 116 71.47 34.77 -7.62
C LYS F 116 70.35 33.77 -7.89
N LEU F 117 69.28 33.88 -7.12
CA LEU F 117 68.14 32.98 -7.28
C LEU F 117 67.10 33.58 -8.23
N VAL F 118 66.64 32.75 -9.16
CA VAL F 118 65.67 33.14 -10.16
C VAL F 118 64.23 32.91 -9.68
N PRO F 119 63.44 34.00 -9.57
CA PRO F 119 62.04 33.86 -9.12
C PRO F 119 61.25 32.98 -10.09
N ARG F 120 60.56 31.99 -9.55
CA ARG F 120 59.79 31.07 -10.39
C ARG F 120 58.39 30.80 -9.84
N LEU F 121 57.45 30.51 -10.73
CA LEU F 121 56.09 30.20 -10.35
C LEU F 121 55.90 28.69 -10.30
N LEU F 122 55.45 28.20 -9.15
CA LEU F 122 55.21 26.78 -8.96
C LEU F 122 53.72 26.54 -8.79
N GLY F 123 53.13 25.83 -9.74
CA GLY F 123 51.70 25.56 -9.69
C GLY F 123 51.38 24.12 -9.38
N ILE F 124 50.33 23.92 -8.59
CA ILE F 124 49.91 22.58 -8.21
C ILE F 124 48.46 22.31 -8.58
N THR F 125 48.22 21.17 -9.20
CA THR F 125 46.87 20.77 -9.61
C THR F 125 46.64 19.36 -9.09
N LYS F 126 45.39 18.90 -9.17
CA LYS F 126 45.04 17.57 -8.69
C LYS F 126 45.70 16.45 -9.49
N GLU F 127 46.49 16.80 -10.49
CA GLU F 127 47.13 15.79 -11.30
C GLU F 127 48.54 16.11 -11.79
N CYS F 128 49.06 17.27 -11.40
CA CYS F 128 50.42 17.64 -11.82
C CYS F 128 51.03 18.79 -11.04
N VAL F 129 52.34 18.95 -11.23
CA VAL F 129 53.14 20.03 -10.62
C VAL F 129 53.85 20.71 -11.79
N MET F 130 53.67 22.01 -11.93
CA MET F 130 54.29 22.72 -13.06
C MET F 130 55.25 23.84 -12.67
N ARG F 131 56.15 24.15 -13.60
CA ARG F 131 57.12 25.23 -13.42
C ARG F 131 56.71 26.28 -14.44
N VAL F 132 56.29 27.45 -13.95
CA VAL F 132 55.85 28.51 -14.84
C VAL F 132 56.78 29.72 -14.80
N ASP F 133 57.03 30.29 -15.97
CA ASP F 133 57.89 31.45 -16.09
C ASP F 133 57.27 32.63 -15.34
N GLU F 134 58.01 33.15 -14.37
CA GLU F 134 57.57 34.26 -13.54
C GLU F 134 57.10 35.47 -14.36
N LYS F 135 57.66 35.64 -15.56
CA LYS F 135 57.32 36.77 -16.42
C LYS F 135 56.37 36.43 -17.58
N THR F 136 56.80 35.53 -18.46
CA THR F 136 56.01 35.13 -19.62
C THR F 136 54.79 34.27 -19.26
N LYS F 137 54.82 33.68 -18.07
CA LYS F 137 53.74 32.83 -17.61
C LYS F 137 53.65 31.55 -18.45
N GLU F 138 54.74 31.23 -19.15
CA GLU F 138 54.81 30.03 -19.98
C GLU F 138 55.19 28.82 -19.12
N VAL F 139 54.67 27.65 -19.49
CA VAL F 139 54.96 26.44 -18.75
C VAL F 139 56.32 25.89 -19.18
N ILE F 140 57.32 26.04 -18.32
CA ILE F 140 58.66 25.57 -18.60
C ILE F 140 58.77 24.05 -18.54
N GLN F 141 58.26 23.49 -17.44
CA GLN F 141 58.31 22.05 -17.24
C GLN F 141 57.10 21.62 -16.43
N GLU F 142 56.61 20.42 -16.68
CA GLU F 142 55.44 19.90 -15.97
C GLU F 142 55.62 18.44 -15.58
N TRP F 143 55.24 18.11 -14.35
CA TRP F 143 55.36 16.74 -13.86
C TRP F 143 53.99 16.18 -13.48
N SER F 144 53.84 14.87 -13.62
CA SER F 144 52.61 14.20 -13.27
C SER F 144 52.73 13.77 -11.81
N LEU F 145 51.70 14.07 -11.01
CA LEU F 145 51.75 13.71 -9.58
C LEU F 145 52.19 12.27 -9.37
N THR F 146 51.86 11.41 -10.33
CA THR F 146 52.20 10.00 -10.24
C THR F 146 53.69 9.71 -10.41
N ASN F 147 54.47 10.71 -10.81
CA ASN F 147 55.90 10.53 -10.99
C ASN F 147 56.70 10.91 -9.75
N ILE F 148 56.01 11.41 -8.72
CA ILE F 148 56.66 11.82 -7.48
C ILE F 148 56.88 10.66 -6.53
N LYS F 149 58.12 10.46 -6.11
CA LYS F 149 58.48 9.41 -5.18
C LYS F 149 58.29 9.90 -3.75
N ARG F 150 58.93 11.03 -3.43
CA ARG F 150 58.85 11.63 -2.09
C ARG F 150 59.10 13.13 -2.16
N TRP F 151 58.77 13.83 -1.07
CA TRP F 151 58.97 15.27 -0.99
C TRP F 151 59.36 15.70 0.42
N ALA F 152 60.28 16.65 0.52
CA ALA F 152 60.76 17.16 1.81
C ALA F 152 60.37 18.62 1.99
N ALA F 153 59.79 18.94 3.14
CA ALA F 153 59.37 20.32 3.39
C ALA F 153 60.05 20.92 4.61
N SER F 154 60.84 21.97 4.38
CA SER F 154 61.52 22.67 5.46
C SER F 154 60.96 24.09 5.48
N PRO F 155 61.07 24.78 6.62
CA PRO F 155 60.55 26.16 6.75
C PRO F 155 61.32 27.19 5.91
N LYS F 156 62.16 26.70 4.99
CA LYS F 156 62.95 27.58 4.14
C LYS F 156 63.00 27.05 2.70
N SER F 157 62.57 25.81 2.52
CA SER F 157 62.57 25.21 1.19
C SER F 157 61.64 24.02 1.03
N PHE F 158 61.48 23.58 -0.21
CA PHE F 158 60.64 22.45 -0.56
C PHE F 158 61.38 21.66 -1.62
N THR F 159 61.39 20.33 -1.50
CA THR F 159 62.10 19.49 -2.45
C THR F 159 61.22 18.35 -3.00
N LEU F 160 61.34 18.09 -4.29
CA LEU F 160 60.60 17.02 -4.94
C LEU F 160 61.54 15.97 -5.49
N ASP F 161 61.23 14.70 -5.19
CA ASP F 161 62.04 13.57 -5.66
C ASP F 161 61.18 12.70 -6.56
N PHE F 162 61.51 12.69 -7.84
CA PHE F 162 60.79 11.93 -8.84
C PHE F 162 61.36 10.52 -9.00
N GLY F 163 62.49 10.26 -8.35
CA GLY F 163 63.10 8.94 -8.43
C GLY F 163 63.48 8.41 -9.81
N ASP F 164 62.59 7.63 -10.41
CA ASP F 164 62.80 7.01 -11.72
C ASP F 164 62.32 7.81 -12.93
N TYR F 165 62.44 9.13 -12.87
CA TYR F 165 62.00 9.95 -13.99
C TYR F 165 63.18 10.76 -14.55
N GLN F 166 63.72 11.63 -13.72
CA GLN F 166 64.83 12.50 -14.10
C GLN F 166 65.93 12.41 -13.05
N ASP F 167 67.15 12.82 -13.40
CA ASP F 167 68.25 12.79 -12.44
C ASP F 167 68.15 14.03 -11.56
N GLY F 168 68.58 13.90 -10.30
CA GLY F 168 68.52 15.03 -9.39
C GLY F 168 67.10 15.39 -9.00
N TYR F 169 66.99 16.24 -7.98
CA TYR F 169 65.70 16.69 -7.48
C TYR F 169 65.33 18.04 -8.06
N TYR F 170 64.43 18.70 -7.34
CA TYR F 170 63.97 20.02 -7.69
C TYR F 170 63.73 20.72 -6.35
N SER F 171 64.67 21.58 -5.97
CA SER F 171 64.56 22.31 -4.72
C SER F 171 64.40 23.80 -4.97
N VAL F 172 63.51 24.42 -4.22
CA VAL F 172 63.26 25.84 -4.35
C VAL F 172 63.21 26.50 -2.98
N GLN F 173 63.46 27.80 -2.94
CA GLN F 173 63.44 28.54 -1.69
C GLN F 173 62.04 29.09 -1.49
N THR F 174 61.41 28.70 -0.38
CA THR F 174 60.07 29.16 -0.07
C THR F 174 59.76 29.04 1.42
N THR F 175 58.89 29.94 1.89
CA THR F 175 58.47 29.96 3.29
C THR F 175 57.14 29.22 3.39
N GLU F 176 56.75 28.63 2.27
CA GLU F 176 55.48 27.91 2.18
C GLU F 176 55.73 26.44 1.88
N GLY F 177 56.94 25.99 2.15
CA GLY F 177 57.29 24.61 1.92
C GLY F 177 56.26 23.64 2.44
N GLU F 178 55.60 23.99 3.54
CA GLU F 178 54.61 23.11 4.11
C GLU F 178 53.23 23.28 3.47
N GLN F 179 52.88 24.51 3.11
CA GLN F 179 51.60 24.74 2.45
C GLN F 179 51.60 23.85 1.21
N ILE F 180 52.64 24.02 0.40
CA ILE F 180 52.81 23.26 -0.84
C ILE F 180 52.77 21.74 -0.61
N ALA F 181 53.54 21.27 0.36
CA ALA F 181 53.60 19.85 0.68
C ALA F 181 52.23 19.29 1.02
N GLN F 182 51.48 20.00 1.85
CA GLN F 182 50.16 19.53 2.25
C GLN F 182 49.19 19.52 1.08
N LEU F 183 49.44 20.36 0.10
CA LEU F 183 48.58 20.45 -1.08
C LEU F 183 48.78 19.21 -1.94
N ILE F 184 50.04 18.81 -2.11
CA ILE F 184 50.39 17.65 -2.90
C ILE F 184 49.94 16.35 -2.21
N ALA F 185 50.13 16.29 -0.90
CA ALA F 185 49.73 15.11 -0.14
C ALA F 185 48.24 14.85 -0.31
N GLY F 186 47.45 15.92 -0.19
CA GLY F 186 46.02 15.79 -0.33
C GLY F 186 45.62 15.20 -1.66
N TYR F 187 46.06 15.85 -2.74
CA TYR F 187 45.74 15.38 -4.09
C TYR F 187 46.15 13.94 -4.31
N ILE F 188 47.34 13.57 -3.82
CA ILE F 188 47.84 12.21 -3.97
C ILE F 188 47.00 11.16 -3.26
N ASP F 189 46.49 11.50 -2.08
CA ASP F 189 45.66 10.56 -1.32
C ASP F 189 44.36 10.22 -2.02
N ILE F 190 43.87 11.15 -2.83
CA ILE F 190 42.63 10.98 -3.56
C ILE F 190 42.80 10.12 -4.82
N ILE F 191 43.97 10.18 -5.42
CA ILE F 191 44.25 9.42 -6.63
C ILE F 191 44.18 7.90 -6.47
N LEU F 192 44.86 7.37 -5.46
CA LEU F 192 44.87 5.93 -5.22
C LEU F 192 43.47 5.42 -4.88
N SER G 4 61.12 16.29 7.73
CA SER G 4 61.91 15.62 6.65
C SER G 4 61.00 14.93 5.61
N TRP G 5 61.56 13.97 4.89
CA TRP G 5 60.84 13.25 3.84
C TRP G 5 59.47 12.68 4.19
N VAL G 6 58.59 12.69 3.19
CA VAL G 6 57.24 12.16 3.29
C VAL G 6 57.05 11.43 1.97
N TYR G 7 56.72 10.15 2.03
CA TYR G 7 56.56 9.35 0.83
C TYR G 7 55.15 9.27 0.27
N SER G 8 55.06 9.13 -1.05
CA SER G 8 53.79 9.03 -1.76
C SER G 8 53.32 7.59 -1.85
N PRO G 9 52.09 7.33 -1.38
CA PRO G 9 51.53 5.97 -1.41
C PRO G 9 51.60 5.36 -2.80
N LEU G 10 51.52 6.21 -3.83
CA LEU G 10 51.56 5.75 -5.21
C LEU G 10 52.83 4.99 -5.61
N HIS G 11 53.91 5.15 -4.85
CA HIS G 11 55.14 4.44 -5.17
C HIS G 11 55.43 3.24 -4.27
N TYR G 12 54.43 2.86 -3.46
CA TYR G 12 54.55 1.71 -2.59
C TYR G 12 54.19 0.52 -3.47
N SER G 13 54.67 -0.67 -3.13
CA SER G 13 54.36 -1.83 -3.95
C SER G 13 52.85 -2.07 -3.96
N ALA G 14 52.33 -2.57 -5.08
CA ALA G 14 50.90 -2.83 -5.21
C ALA G 14 50.30 -3.53 -4.00
N PRO H 1 50.95 -4.59 -3.52
CA PRO H 1 50.43 -5.32 -2.36
C PRO H 1 50.37 -4.47 -1.09
N VAL H 2 51.34 -3.58 -0.89
CA VAL H 2 51.34 -2.71 0.28
C VAL H 2 50.21 -1.69 0.16
N GLN H 3 50.01 -1.17 -1.06
CA GLN H 3 48.95 -0.20 -1.30
C GLN H 3 47.59 -0.88 -1.06
N LEU H 4 47.51 -2.16 -1.39
CA LEU H 4 46.29 -2.94 -1.21
C LEU H 4 45.92 -3.05 0.24
N ASN H 5 46.93 -3.18 1.09
CA ASN H 5 46.71 -3.30 2.51
C ASN H 5 46.22 -2.00 3.14
N LEU H 6 46.70 -0.87 2.64
CA LEU H 6 46.27 0.42 3.17
C LEU H 6 44.81 0.69 2.82
N LEU H 7 44.42 0.31 1.60
CA LEU H 7 43.05 0.50 1.16
C LEU H 7 42.13 -0.43 1.94
N TYR H 8 42.61 -1.65 2.18
CA TYR H 8 41.86 -2.66 2.93
C TYR H 8 41.59 -2.18 4.35
N VAL H 9 42.65 -1.91 5.08
CA VAL H 9 42.55 -1.46 6.47
C VAL H 9 41.61 -0.27 6.62
N GLN H 10 41.68 0.67 5.68
CA GLN H 10 40.83 1.86 5.73
C GLN H 10 39.36 1.50 5.50
N ALA H 11 39.09 0.65 4.51
CA ALA H 11 37.72 0.23 4.20
C ALA H 11 37.13 -0.63 5.31
N ARG H 12 37.95 -1.52 5.86
CA ARG H 12 37.54 -2.41 6.94
C ARG H 12 37.18 -1.62 8.19
N ASP H 13 38.08 -0.71 8.57
CA ASP H 13 37.88 0.13 9.74
C ASP H 13 36.65 1.01 9.58
N ASP H 14 36.47 1.57 8.39
CA ASP H 14 35.33 2.43 8.13
C ASP H 14 34.02 1.68 8.27
N ILE H 15 34.05 0.38 8.03
CA ILE H 15 32.85 -0.46 8.13
C ILE H 15 32.65 -0.94 9.56
N LEU H 16 33.74 -1.28 10.24
CA LEU H 16 33.69 -1.77 11.61
C LEU H 16 33.32 -0.72 12.65
N ASN H 17 33.73 0.53 12.41
CA ASN H 17 33.43 1.61 13.35
C ASN H 17 32.14 2.37 13.01
N GLY H 18 31.48 1.96 11.93
CA GLY H 18 30.23 2.60 11.54
C GLY H 18 30.33 3.80 10.62
N SER H 19 31.55 4.18 10.25
CA SER H 19 31.75 5.32 9.36
C SER H 19 31.04 5.07 8.04
N HIS H 20 31.08 3.81 7.61
CA HIS H 20 30.46 3.38 6.36
C HIS H 20 29.29 2.43 6.66
N PRO H 21 28.07 2.98 6.80
CA PRO H 21 26.88 2.19 7.08
C PRO H 21 26.54 1.17 6.00
N VAL H 22 26.40 -0.08 6.41
CA VAL H 22 26.07 -1.16 5.48
C VAL H 22 24.97 -2.02 6.12
N SER H 23 24.26 -2.79 5.30
CA SER H 23 23.20 -3.65 5.82
C SER H 23 23.80 -4.85 6.53
N PHE H 24 22.97 -5.54 7.30
CA PHE H 24 23.40 -6.72 8.04
C PHE H 24 23.98 -7.77 7.09
N ASP H 25 23.31 -7.98 5.96
CA ASP H 25 23.78 -8.97 5.00
C ASP H 25 25.18 -8.65 4.52
N LYS H 26 25.41 -7.39 4.16
CA LYS H 26 26.72 -6.95 3.68
C LYS H 26 27.81 -7.00 4.77
N ALA H 27 27.46 -6.64 6.00
CA ALA H 27 28.42 -6.66 7.10
C ALA H 27 29.04 -8.04 7.27
N CYS H 28 28.19 -9.07 7.14
CA CYS H 28 28.62 -10.46 7.26
C CYS H 28 29.46 -10.89 6.08
N GLU H 29 29.13 -10.39 4.90
CA GLU H 29 29.89 -10.72 3.70
C GLU H 29 31.31 -10.23 3.94
N PHE H 30 31.44 -9.00 4.42
CA PHE H 30 32.74 -8.42 4.71
C PHE H 30 33.46 -9.24 5.78
N ALA H 31 32.72 -9.64 6.81
CA ALA H 31 33.31 -10.45 7.89
C ALA H 31 33.85 -11.74 7.29
N GLY H 32 33.19 -12.22 6.24
CA GLY H 32 33.61 -13.45 5.57
C GLY H 32 34.99 -13.26 4.96
N PHE H 33 35.17 -12.20 4.18
CA PHE H 33 36.46 -11.91 3.59
C PHE H 33 37.48 -11.69 4.69
N GLN H 34 37.05 -11.02 5.75
CA GLN H 34 37.92 -10.74 6.87
C GLN H 34 38.43 -12.06 7.46
N CYS H 35 37.52 -13.03 7.61
CA CYS H 35 37.91 -14.33 8.14
C CYS H 35 38.90 -15.00 7.22
N GLN H 36 38.60 -15.00 5.93
CA GLN H 36 39.48 -15.61 4.97
C GLN H 36 40.86 -15.00 5.10
N ILE H 37 40.91 -13.67 5.20
CA ILE H 37 42.18 -12.94 5.30
C ILE H 37 42.99 -13.22 6.55
N GLN H 38 42.33 -13.19 7.71
CA GLN H 38 43.00 -13.41 8.97
C GLN H 38 43.22 -14.88 9.36
N PHE H 39 42.38 -15.78 8.85
CA PHE H 39 42.51 -17.19 9.20
C PHE H 39 42.77 -18.10 8.01
N GLY H 40 42.49 -17.62 6.82
CA GLY H 40 42.70 -18.44 5.64
C GLY H 40 41.45 -19.26 5.38
N PRO H 41 41.50 -20.20 4.43
CA PRO H 41 40.36 -21.05 4.07
C PRO H 41 39.59 -21.52 5.30
N HIS H 42 38.28 -21.68 5.15
CA HIS H 42 37.44 -22.11 6.26
C HIS H 42 37.64 -23.58 6.65
N ASN H 43 37.97 -23.80 7.92
CA ASN H 43 38.20 -25.15 8.43
C ASN H 43 37.11 -25.53 9.44
N GLU H 44 36.33 -26.54 9.09
CA GLU H 44 35.23 -27.01 9.93
C GLU H 44 35.65 -27.36 11.36
N GLN H 45 36.81 -27.97 11.50
CA GLN H 45 37.30 -28.39 12.80
C GLN H 45 38.04 -27.35 13.62
N LYS H 46 38.47 -26.26 12.99
CA LYS H 46 39.18 -25.23 13.72
C LYS H 46 38.30 -24.00 13.89
N HIS H 47 37.44 -23.76 12.90
CA HIS H 47 36.54 -22.61 12.91
C HIS H 47 35.09 -23.00 13.21
N LYS H 48 34.79 -23.24 14.49
CA LYS H 48 33.43 -23.62 14.88
C LYS H 48 32.80 -22.57 15.78
N ALA H 49 31.48 -22.65 15.90
CA ALA H 49 30.72 -21.69 16.70
C ALA H 49 31.45 -21.25 17.96
N GLY H 50 31.37 -19.94 18.22
CA GLY H 50 32.02 -19.37 19.39
C GLY H 50 33.48 -19.05 19.14
N PHE H 51 33.94 -19.40 17.95
CA PHE H 51 35.33 -19.15 17.57
C PHE H 51 35.57 -17.68 17.28
N LEU H 52 34.55 -17.00 16.76
CA LEU H 52 34.69 -15.59 16.40
C LEU H 52 34.22 -14.57 17.42
N ASP H 53 35.11 -13.63 17.72
CA ASP H 53 34.79 -12.54 18.64
C ASP H 53 34.06 -11.52 17.75
N LEU H 54 32.75 -11.70 17.61
CA LEU H 54 31.91 -10.84 16.77
C LEU H 54 32.18 -9.34 16.88
N LYS H 55 32.79 -8.92 17.98
CA LYS H 55 33.09 -7.50 18.16
C LYS H 55 34.16 -7.03 17.18
N ASP H 56 35.04 -7.94 16.78
CA ASP H 56 36.12 -7.62 15.86
C ASP H 56 35.79 -7.90 14.40
N PHE H 57 34.56 -8.30 14.12
CA PHE H 57 34.18 -8.64 12.75
C PHE H 57 32.89 -8.00 12.23
N LEU H 58 32.17 -7.30 13.10
CA LEU H 58 30.93 -6.66 12.70
C LEU H 58 30.75 -5.33 13.38
N PRO H 59 30.01 -4.42 12.73
CA PRO H 59 29.77 -3.10 13.32
C PRO H 59 29.02 -3.34 14.62
N LYS H 60 29.15 -2.41 15.56
CA LYS H 60 28.48 -2.51 16.86
C LYS H 60 27.01 -2.94 16.76
N GLU H 61 26.23 -2.15 16.05
CA GLU H 61 24.80 -2.41 15.89
C GLU H 61 24.44 -3.83 15.44
N TYR H 62 25.42 -4.60 14.97
CA TYR H 62 25.13 -5.95 14.50
C TYR H 62 25.68 -7.08 15.36
N VAL H 63 26.44 -6.72 16.40
CA VAL H 63 27.05 -7.71 17.27
C VAL H 63 26.06 -8.69 17.88
N LYS H 64 25.00 -8.19 18.50
CA LYS H 64 24.00 -9.03 19.14
C LYS H 64 22.94 -9.58 18.18
N GLN H 65 23.35 -9.89 16.94
CA GLN H 65 22.41 -10.41 15.95
C GLN H 65 22.60 -11.90 15.66
N LYS H 66 23.55 -12.53 16.35
CA LYS H 66 23.81 -13.96 16.15
C LYS H 66 24.01 -14.26 14.68
N GLY H 67 24.92 -13.51 14.06
CA GLY H 67 25.19 -13.70 12.66
C GLY H 67 26.49 -14.43 12.38
N GLU H 68 27.00 -15.16 13.37
CA GLU H 68 28.23 -15.91 13.21
C GLU H 68 28.07 -16.98 12.15
N ARG H 69 26.85 -17.51 12.02
CA ARG H 69 26.57 -18.53 11.03
C ARG H 69 26.69 -17.93 9.64
N LYS H 70 26.08 -16.77 9.44
CA LYS H 70 26.12 -16.08 8.15
C LYS H 70 27.56 -15.73 7.77
N ILE H 71 28.36 -15.34 8.76
CA ILE H 71 29.75 -14.98 8.53
C ILE H 71 30.52 -16.22 8.09
N PHE H 72 30.31 -17.34 8.78
CA PHE H 72 31.01 -18.57 8.41
C PHE H 72 30.54 -19.07 7.04
N GLN H 73 29.30 -18.72 6.69
CA GLN H 73 28.70 -19.09 5.42
C GLN H 73 29.42 -18.32 4.30
N ALA H 74 29.74 -17.06 4.58
CA ALA H 74 30.44 -16.22 3.60
C ALA H 74 31.90 -16.66 3.54
N HIS H 75 32.48 -16.92 4.71
CA HIS H 75 33.86 -17.37 4.82
C HIS H 75 34.03 -18.63 4.00
N LYS H 76 33.13 -19.59 4.23
CA LYS H 76 33.15 -20.88 3.53
C LYS H 76 33.05 -20.72 2.02
N ASN H 77 32.21 -19.80 1.55
CA ASN H 77 32.05 -19.60 0.12
C ASN H 77 33.34 -19.07 -0.51
N CYS H 78 34.26 -18.57 0.32
CA CYS H 78 35.52 -18.04 -0.18
C CYS H 78 36.42 -19.11 -0.78
N GLY H 79 36.16 -20.36 -0.44
CA GLY H 79 36.97 -21.44 -0.97
C GLY H 79 38.41 -21.35 -0.51
N GLN H 80 39.33 -21.47 -1.47
CA GLN H 80 40.76 -21.41 -1.23
C GLN H 80 41.32 -20.05 -1.63
N MET H 81 40.45 -19.05 -1.66
CA MET H 81 40.83 -17.69 -2.04
C MET H 81 42.02 -17.22 -1.24
N SER H 82 43.00 -16.62 -1.92
CA SER H 82 44.20 -16.14 -1.24
C SER H 82 43.88 -14.85 -0.50
N GLU H 83 44.77 -14.44 0.38
CA GLU H 83 44.60 -13.22 1.16
C GLU H 83 44.52 -11.98 0.26
N ILE H 84 45.41 -11.92 -0.73
CA ILE H 84 45.47 -10.80 -1.66
C ILE H 84 44.14 -10.69 -2.39
N GLU H 85 43.59 -11.82 -2.81
CA GLU H 85 42.33 -11.79 -3.53
C GLU H 85 41.21 -11.41 -2.59
N ALA H 86 41.22 -11.97 -1.39
CA ALA H 86 40.19 -11.66 -0.40
C ALA H 86 40.18 -10.16 -0.13
N LYS H 87 41.36 -9.56 -0.03
CA LYS H 87 41.48 -8.13 0.22
C LYS H 87 40.96 -7.30 -0.97
N VAL H 88 41.25 -7.77 -2.18
CA VAL H 88 40.79 -7.09 -3.39
C VAL H 88 39.26 -7.02 -3.42
N ARG H 89 38.62 -8.16 -3.22
CA ARG H 89 37.16 -8.26 -3.22
C ARG H 89 36.51 -7.43 -2.13
N TYR H 90 37.17 -7.34 -0.98
CA TYR H 90 36.65 -6.56 0.13
C TYR H 90 36.51 -5.12 -0.30
N VAL H 91 37.60 -4.55 -0.80
CA VAL H 91 37.62 -3.16 -1.23
C VAL H 91 36.62 -2.88 -2.35
N LYS H 92 36.60 -3.75 -3.35
CA LYS H 92 35.68 -3.58 -4.48
C LYS H 92 34.23 -3.65 -4.01
N LEU H 93 33.96 -4.55 -3.07
CA LEU H 93 32.60 -4.69 -2.55
C LEU H 93 32.23 -3.42 -1.79
N ALA H 94 33.14 -2.93 -0.97
CA ALA H 94 32.90 -1.71 -0.19
C ALA H 94 32.73 -0.48 -1.08
N ARG H 95 33.47 -0.43 -2.18
CA ARG H 95 33.40 0.70 -3.11
C ARG H 95 32.18 0.67 -4.01
N SER H 96 31.63 -0.52 -4.24
CA SER H 96 30.47 -0.67 -5.11
C SER H 96 29.17 -0.30 -4.42
N LEU H 97 29.25 0.00 -3.13
CA LEU H 97 28.07 0.34 -2.35
C LEU H 97 27.64 1.78 -2.55
N LYS H 98 26.33 2.00 -2.48
CA LYS H 98 25.76 3.33 -2.63
C LYS H 98 26.16 4.23 -1.46
N THR H 99 26.42 3.63 -0.31
CA THR H 99 26.82 4.37 0.88
C THR H 99 28.32 4.64 0.97
N TYR H 100 29.08 4.14 0.00
CA TYR H 100 30.53 4.35 0.02
C TYR H 100 30.86 5.83 -0.22
N GLY H 101 31.82 6.34 0.54
CA GLY H 101 32.25 7.73 0.40
C GLY H 101 31.16 8.78 0.57
N VAL H 102 30.13 8.45 1.34
CA VAL H 102 29.04 9.40 1.59
C VAL H 102 29.08 9.89 3.03
N SER H 103 29.02 11.20 3.21
CA SER H 103 29.04 11.78 4.54
C SER H 103 27.65 11.62 5.14
N PHE H 104 27.54 10.86 6.22
CA PHE H 104 26.26 10.62 6.86
C PHE H 104 26.05 11.35 8.19
N PHE H 105 24.79 11.70 8.45
CA PHE H 105 24.39 12.38 9.68
C PHE H 105 23.14 11.69 10.21
N LEU H 106 23.13 11.40 11.51
CA LEU H 106 21.98 10.75 12.10
C LEU H 106 20.97 11.82 12.48
N VAL H 107 19.85 11.85 11.76
CA VAL H 107 18.79 12.82 12.02
C VAL H 107 17.52 12.10 12.44
N LYS H 108 16.44 12.85 12.59
CA LYS H 108 15.16 12.28 12.99
C LYS H 108 14.03 12.88 12.16
N GLU H 109 13.16 12.02 11.65
CA GLU H 109 12.03 12.46 10.84
C GLU H 109 10.70 12.39 11.57
N LYS H 110 9.94 13.48 11.51
CA LYS H 110 8.63 13.55 12.13
C LYS H 110 7.58 13.43 11.02
N MET H 111 6.88 12.30 11.01
CA MET H 111 5.87 12.05 9.97
C MET H 111 4.56 11.58 10.60
N LYS H 112 3.68 11.01 9.78
CA LYS H 112 2.40 10.49 10.26
C LYS H 112 2.55 9.12 10.89
N GLY H 113 1.40 8.53 11.21
CA GLY H 113 1.37 7.23 11.83
C GLY H 113 1.53 7.36 13.33
N LYS H 114 2.22 8.41 13.74
CA LYS H 114 2.45 8.66 15.16
C LYS H 114 3.02 10.05 15.41
N ASN H 115 3.38 10.31 16.67
CA ASN H 115 3.94 11.59 17.08
C ASN H 115 5.43 11.40 17.39
N LYS H 116 5.87 10.14 17.33
CA LYS H 116 7.27 9.80 17.60
C LYS H 116 8.12 10.02 16.36
N LEU H 117 9.36 10.43 16.55
CA LEU H 117 10.27 10.69 15.43
C LEU H 117 11.02 9.44 15.00
N VAL H 118 11.10 9.24 13.69
CA VAL H 118 11.78 8.09 13.12
C VAL H 118 13.23 8.43 12.77
N PRO H 119 14.19 7.82 13.47
CA PRO H 119 15.59 8.10 13.19
C PRO H 119 15.91 7.76 11.73
N ARG H 120 16.64 8.65 11.05
CA ARG H 120 16.99 8.43 9.66
C ARG H 120 18.44 8.81 9.39
N LEU H 121 19.00 8.25 8.32
CA LEU H 121 20.37 8.53 7.92
C LEU H 121 20.38 9.50 6.75
N LEU H 122 21.03 10.64 6.95
CA LEU H 122 21.13 11.65 5.91
C LEU H 122 22.52 11.66 5.29
N GLY H 123 22.62 11.24 4.03
CA GLY H 123 23.91 11.22 3.37
C GLY H 123 24.06 12.38 2.40
N ILE H 124 25.24 12.99 2.39
CA ILE H 124 25.52 14.11 1.51
C ILE H 124 26.74 13.80 0.64
N THR H 125 26.62 14.04 -0.66
CA THR H 125 27.72 13.81 -1.60
C THR H 125 28.00 15.09 -2.38
N LYS H 126 29.06 15.07 -3.19
CA LYS H 126 29.41 16.25 -3.97
C LYS H 126 28.41 16.46 -5.09
N GLU H 127 27.42 15.58 -5.18
CA GLU H 127 26.43 15.70 -6.22
C GLU H 127 25.01 15.31 -5.82
N CYS H 128 24.79 14.96 -4.56
CA CYS H 128 23.46 14.59 -4.14
C CYS H 128 23.24 14.45 -2.63
N VAL H 129 21.96 14.49 -2.24
CA VAL H 129 21.54 14.34 -0.86
C VAL H 129 20.65 13.09 -0.85
N MET H 130 20.86 12.21 0.10
CA MET H 130 20.07 10.98 0.15
C MET H 130 19.47 10.65 1.52
N ARG H 131 18.38 9.88 1.47
CA ARG H 131 17.67 9.42 2.64
C ARG H 131 17.96 7.93 2.75
N VAL H 132 18.62 7.53 3.84
CA VAL H 132 18.96 6.13 4.01
C VAL H 132 18.32 5.52 5.25
N ASP H 133 17.77 4.32 5.06
CA ASP H 133 17.12 3.58 6.12
C ASP H 133 18.12 3.38 7.25
N GLU H 134 17.73 3.79 8.46
CA GLU H 134 18.57 3.68 9.63
C GLU H 134 18.93 2.22 9.94
N LYS H 135 18.09 1.29 9.48
CA LYS H 135 18.31 -0.12 9.74
C LYS H 135 18.78 -0.91 8.52
N THR H 136 17.93 -0.98 7.50
CA THR H 136 18.27 -1.73 6.29
C THR H 136 19.35 -1.04 5.47
N LYS H 137 19.61 0.23 5.77
CA LYS H 137 20.62 1.01 5.07
C LYS H 137 20.28 1.19 3.59
N GLU H 138 19.00 1.01 3.25
CA GLU H 138 18.54 1.16 1.87
C GLU H 138 18.25 2.64 1.60
N VAL H 139 18.51 3.07 0.37
CA VAL H 139 18.25 4.47 0.01
C VAL H 139 16.77 4.68 -0.28
N ILE H 140 16.07 5.34 0.64
CA ILE H 140 14.64 5.59 0.49
C ILE H 140 14.36 6.61 -0.61
N GLN H 141 15.10 7.71 -0.58
CA GLN H 141 14.92 8.76 -1.57
C GLN H 141 16.22 9.51 -1.80
N GLU H 142 16.48 9.87 -3.04
CA GLU H 142 17.70 10.58 -3.39
C GLU H 142 17.47 11.86 -4.19
N TRP H 143 18.12 12.94 -3.77
CA TRP H 143 17.99 14.23 -4.43
C TRP H 143 19.30 14.69 -5.05
N SER H 144 19.18 15.39 -6.18
CA SER H 144 20.34 15.92 -6.88
C SER H 144 20.57 17.33 -6.32
N LEU H 145 21.81 17.64 -5.95
CA LEU H 145 22.13 18.97 -5.40
C LEU H 145 21.60 20.10 -6.28
N THR H 146 21.44 19.83 -7.56
CA THR H 146 20.95 20.82 -8.52
C THR H 146 19.44 21.10 -8.38
N ASN H 147 18.75 20.27 -7.61
CA ASN H 147 17.31 20.45 -7.41
C ASN H 147 17.04 21.24 -6.14
N ILE H 148 18.10 21.63 -5.44
CA ILE H 148 17.98 22.39 -4.21
C ILE H 148 17.82 23.88 -4.50
N LYS H 149 16.72 24.47 -4.01
CA LYS H 149 16.46 25.88 -4.20
C LYS H 149 17.10 26.67 -3.06
N ARG H 150 16.85 26.23 -1.83
CA ARG H 150 17.41 26.88 -0.65
C ARG H 150 17.42 25.91 0.52
N TRP H 151 18.06 26.32 1.61
CA TRP H 151 18.14 25.50 2.80
C TRP H 151 18.26 26.39 4.05
N ALA H 152 17.61 25.97 5.14
CA ALA H 152 17.65 26.72 6.39
C ALA H 152 18.24 25.85 7.49
N ALA H 153 19.19 26.41 8.24
CA ALA H 153 19.84 25.66 9.31
C ALA H 153 19.66 26.24 10.71
N SER H 154 18.95 25.51 11.56
CA SER H 154 18.72 25.95 12.94
C SER H 154 19.47 24.99 13.88
N PRO H 155 19.81 25.45 15.09
CA PRO H 155 20.53 24.64 16.08
C PRO H 155 19.72 23.47 16.59
N LYS H 156 18.56 23.24 15.97
CA LYS H 156 17.68 22.15 16.38
C LYS H 156 17.15 21.37 15.18
N SER H 157 17.28 21.94 13.98
CA SER H 157 16.79 21.27 12.79
C SER H 157 17.51 21.72 11.52
N PHE H 158 17.10 21.12 10.39
CA PHE H 158 17.66 21.44 9.09
C PHE H 158 16.53 21.22 8.09
N THR H 159 16.35 22.15 7.18
CA THR H 159 15.28 22.04 6.20
C THR H 159 15.79 22.27 4.79
N LEU H 160 15.24 21.50 3.85
CA LEU H 160 15.64 21.60 2.44
C LEU H 160 14.45 21.96 1.56
N ASP H 161 14.64 22.98 0.72
CA ASP H 161 13.60 23.43 -0.20
C ASP H 161 14.01 23.16 -1.63
N PHE H 162 13.32 22.22 -2.27
CA PHE H 162 13.61 21.85 -3.64
C PHE H 162 12.72 22.62 -4.61
N GLY H 163 11.94 23.57 -4.08
CA GLY H 163 11.08 24.40 -4.91
C GLY H 163 10.14 23.70 -5.89
N ASP H 164 10.55 23.61 -7.15
CA ASP H 164 9.75 22.99 -8.21
C ASP H 164 9.64 21.47 -8.21
N TYR H 165 10.70 20.79 -7.79
CA TYR H 165 10.73 19.32 -7.74
C TYR H 165 9.50 18.64 -7.16
N GLN H 166 9.36 18.77 -5.84
CA GLN H 166 8.26 18.15 -5.11
C GLN H 166 7.51 19.18 -4.27
N ASP H 167 6.41 18.74 -3.67
CA ASP H 167 5.62 19.61 -2.80
C ASP H 167 6.17 19.45 -1.40
N GLY H 168 6.04 20.48 -0.58
CA GLY H 168 6.53 20.41 0.79
C GLY H 168 8.05 20.29 0.83
N TYR H 169 8.62 20.61 1.98
CA TYR H 169 10.06 20.55 2.17
C TYR H 169 10.50 19.19 2.70
N TYR H 170 11.63 19.21 3.42
CA TYR H 170 12.20 18.01 4.05
C TYR H 170 12.90 18.50 5.31
N SER H 171 12.18 18.46 6.43
CA SER H 171 12.72 18.92 7.70
C SER H 171 13.05 17.78 8.64
N VAL H 172 14.19 17.89 9.32
CA VAL H 172 14.61 16.87 10.25
C VAL H 172 15.12 17.50 11.54
N GLN H 173 15.20 16.70 12.60
CA GLN H 173 15.69 17.20 13.88
C GLN H 173 17.16 16.82 14.03
N THR H 174 18.01 17.82 14.23
CA THR H 174 19.43 17.55 14.38
C THR H 174 20.14 18.72 15.04
N THR H 175 21.24 18.41 15.74
CA THR H 175 22.03 19.42 16.41
C THR H 175 23.19 19.75 15.49
N GLU H 176 23.17 19.15 14.30
CA GLU H 176 24.23 19.35 13.31
C GLU H 176 23.76 20.11 12.07
N GLY H 177 22.61 20.78 12.16
CA GLY H 177 22.10 21.53 11.03
C GLY H 177 23.15 22.43 10.38
N GLU H 178 24.06 22.96 11.20
CA GLU H 178 25.12 23.85 10.72
C GLU H 178 26.16 23.11 9.88
N GLN H 179 26.62 21.97 10.39
CA GLN H 179 27.61 21.17 9.68
C GLN H 179 27.03 20.73 8.34
N ILE H 180 25.82 20.18 8.37
CA ILE H 180 25.14 19.70 7.18
C ILE H 180 25.01 20.83 6.15
N ALA H 181 24.54 21.99 6.59
CA ALA H 181 24.36 23.13 5.71
C ALA H 181 25.66 23.55 5.05
N GLN H 182 26.73 23.64 5.82
CA GLN H 182 28.04 24.04 5.30
C GLN H 182 28.57 23.03 4.27
N LEU H 183 28.31 21.76 4.51
CA LEU H 183 28.75 20.71 3.60
C LEU H 183 28.13 20.95 2.24
N ILE H 184 26.79 21.03 2.23
CA ILE H 184 26.03 21.26 1.00
C ILE H 184 26.46 22.55 0.29
N ALA H 185 26.64 23.62 1.05
CA ALA H 185 27.04 24.90 0.47
C ALA H 185 28.35 24.75 -0.30
N GLY H 186 29.34 24.12 0.34
CA GLY H 186 30.63 23.93 -0.30
C GLY H 186 30.52 23.17 -1.61
N TYR H 187 29.87 22.01 -1.57
CA TYR H 187 29.70 21.19 -2.77
C TYR H 187 29.04 21.95 -3.91
N ILE H 188 27.96 22.66 -3.60
CA ILE H 188 27.24 23.43 -4.61
C ILE H 188 28.09 24.53 -5.23
N ASP H 189 28.98 25.14 -4.44
CA ASP H 189 29.86 26.20 -4.93
C ASP H 189 30.78 25.71 -6.04
N ILE H 190 31.28 24.49 -5.88
CA ILE H 190 32.18 23.89 -6.85
C ILE H 190 31.53 23.53 -8.18
N ILE H 191 30.26 23.16 -8.14
CA ILE H 191 29.53 22.75 -9.34
C ILE H 191 29.41 23.83 -10.42
N LEU H 192 29.01 25.04 -10.02
CA LEU H 192 28.85 26.12 -10.99
C LEU H 192 30.19 26.50 -11.61
N SER I 4 -9.09 -3.52 -6.55
CA SER I 4 -7.98 -4.00 -7.42
C SER I 4 -8.54 -4.78 -8.61
N TRP I 5 -7.68 -5.54 -9.28
CA TRP I 5 -8.05 -6.34 -10.45
C TRP I 5 -9.36 -7.09 -10.38
N VAL I 6 -10.00 -7.22 -11.54
CA VAL I 6 -11.26 -7.94 -11.72
C VAL I 6 -11.04 -8.69 -13.01
N TYR I 7 -11.10 -10.02 -12.96
CA TYR I 7 -10.86 -10.81 -14.15
C TYR I 7 -12.03 -11.05 -15.09
N SER I 8 -11.70 -11.19 -16.38
CA SER I 8 -12.69 -11.43 -17.41
C SER I 8 -12.97 -12.92 -17.53
N PRO I 9 -14.23 -13.32 -17.36
CA PRO I 9 -14.64 -14.73 -17.47
C PRO I 9 -14.20 -15.33 -18.80
N LEU I 10 -14.09 -14.48 -19.82
CA LEU I 10 -13.70 -14.90 -21.16
C LEU I 10 -12.31 -15.54 -21.26
N HIS I 11 -11.42 -15.19 -20.31
CA HIS I 11 -10.08 -15.75 -20.32
C HIS I 11 -9.86 -16.93 -19.38
N TYR I 12 -10.93 -17.39 -18.73
CA TYR I 12 -10.82 -18.55 -17.84
C TYR I 12 -10.74 -19.77 -18.77
N SER I 13 -10.19 -20.88 -18.29
CA SER I 13 -10.11 -22.07 -19.15
C SER I 13 -11.53 -22.45 -19.51
N ALA I 14 -11.69 -23.14 -20.65
CA ALA I 14 -13.01 -23.55 -21.12
C ALA I 14 -13.76 -24.35 -20.05
N PRO J 1 -13.09 -25.33 -19.42
CA PRO J 1 -13.76 -26.13 -18.38
C PRO J 1 -14.32 -25.29 -17.23
N VAL J 2 -13.55 -24.31 -16.76
CA VAL J 2 -14.00 -23.43 -15.69
C VAL J 2 -15.22 -22.65 -16.15
N GLN J 3 -15.15 -22.09 -17.35
CA GLN J 3 -16.27 -21.32 -17.90
C GLN J 3 -17.48 -22.23 -18.02
N LEU J 4 -17.23 -23.51 -18.29
CA LEU J 4 -18.28 -24.49 -18.45
C LEU J 4 -19.00 -24.76 -17.14
N ASN J 5 -18.24 -24.74 -16.06
CA ASN J 5 -18.82 -24.97 -14.74
C ASN J 5 -19.59 -23.74 -14.27
N LEU J 6 -19.17 -22.57 -14.71
CA LEU J 6 -19.86 -21.34 -14.33
C LEU J 6 -21.22 -21.28 -15.01
N LEU J 7 -21.25 -21.67 -16.27
CA LEU J 7 -22.48 -21.69 -17.04
C LEU J 7 -23.37 -22.77 -16.47
N TYR J 8 -22.77 -23.90 -16.10
CA TYR J 8 -23.54 -25.00 -15.53
C TYR J 8 -24.26 -24.55 -14.25
N VAL J 9 -23.50 -24.13 -13.26
CA VAL J 9 -24.07 -23.71 -12.00
C VAL J 9 -25.23 -22.72 -12.15
N GLN J 10 -25.09 -21.74 -13.04
CA GLN J 10 -26.13 -20.75 -13.25
C GLN J 10 -27.41 -21.38 -13.80
N ALA J 11 -27.27 -22.19 -14.84
CA ALA J 11 -28.40 -22.86 -15.47
C ALA J 11 -29.08 -23.88 -14.55
N ARG J 12 -28.30 -24.58 -13.73
CA ARG J 12 -28.85 -25.58 -12.80
C ARG J 12 -29.64 -24.89 -11.69
N ASP J 13 -29.03 -23.87 -11.08
CA ASP J 13 -29.66 -23.12 -10.02
C ASP J 13 -30.95 -22.42 -10.46
N ASP J 14 -30.94 -21.86 -11.66
CA ASP J 14 -32.13 -21.17 -12.18
C ASP J 14 -33.30 -22.12 -12.30
N ILE J 15 -32.99 -23.36 -12.66
CA ILE J 15 -34.01 -24.39 -12.82
C ILE J 15 -34.49 -24.91 -11.46
N LEU J 16 -33.56 -25.09 -10.54
CA LEU J 16 -33.88 -25.59 -9.20
C LEU J 16 -34.64 -24.61 -8.32
N ASN J 17 -34.42 -23.31 -8.53
CA ASN J 17 -35.11 -22.32 -7.69
C ASN J 17 -36.38 -21.76 -8.33
N GLY J 18 -36.66 -22.14 -9.57
CA GLY J 18 -37.86 -21.66 -10.22
C GLY J 18 -37.69 -20.46 -11.15
N SER J 19 -36.49 -19.89 -11.19
CA SER J 19 -36.22 -18.74 -12.05
C SER J 19 -36.38 -19.12 -13.52
N HIS J 20 -36.17 -20.39 -13.83
CA HIS J 20 -36.31 -20.89 -15.19
C HIS J 20 -37.37 -21.99 -15.16
N PRO J 21 -38.64 -21.63 -15.40
CA PRO J 21 -39.74 -22.59 -15.40
C PRO J 21 -39.63 -23.62 -16.52
N VAL J 22 -39.61 -24.90 -16.13
CA VAL J 22 -39.51 -26.01 -17.07
C VAL J 22 -40.60 -27.01 -16.72
N SER J 23 -40.90 -27.94 -17.63
CA SER J 23 -41.94 -28.92 -17.36
C SER J 23 -41.39 -30.01 -16.43
N PHE J 24 -42.26 -30.93 -16.03
CA PHE J 24 -41.86 -32.02 -15.15
C PHE J 24 -40.92 -32.95 -15.90
N ASP J 25 -41.29 -33.31 -17.12
CA ASP J 25 -40.45 -34.20 -17.94
C ASP J 25 -39.04 -33.66 -18.06
N LYS J 26 -38.94 -32.38 -18.42
CA LYS J 26 -37.65 -31.74 -18.58
C LYS J 26 -36.89 -31.64 -17.27
N ALA J 27 -37.60 -31.36 -16.18
CA ALA J 27 -36.99 -31.24 -14.85
C ALA J 27 -36.27 -32.53 -14.47
N CYS J 28 -36.90 -33.66 -14.77
CA CYS J 28 -36.31 -34.96 -14.48
C CYS J 28 -35.17 -35.23 -15.44
N GLU J 29 -35.25 -34.62 -16.63
CA GLU J 29 -34.22 -34.77 -17.65
C GLU J 29 -32.96 -34.07 -17.17
N PHE J 30 -33.13 -32.93 -16.49
CA PHE J 30 -32.00 -32.17 -15.95
C PHE J 30 -31.41 -32.90 -14.75
N ALA J 31 -32.28 -33.45 -13.90
CA ALA J 31 -31.81 -34.18 -12.73
C ALA J 31 -30.89 -35.31 -13.19
N GLY J 32 -31.26 -35.98 -14.28
CA GLY J 32 -30.48 -37.07 -14.84
C GLY J 32 -29.04 -36.66 -15.15
N PHE J 33 -28.87 -35.51 -15.79
CA PHE J 33 -27.54 -34.99 -16.09
C PHE J 33 -26.88 -34.62 -14.77
N GLN J 34 -27.67 -34.12 -13.85
CA GLN J 34 -27.18 -33.72 -12.55
C GLN J 34 -26.67 -34.94 -11.78
N CYS J 35 -27.41 -36.04 -11.85
CA CYS J 35 -27.00 -37.27 -11.18
C CYS J 35 -25.68 -37.74 -11.78
N GLN J 36 -25.63 -37.83 -13.10
CA GLN J 36 -24.42 -38.25 -13.80
C GLN J 36 -23.25 -37.41 -13.36
N ILE J 37 -23.44 -36.08 -13.34
CA ILE J 37 -22.38 -35.14 -12.96
C ILE J 37 -21.87 -35.30 -11.53
N GLN J 38 -22.78 -35.41 -10.56
CA GLN J 38 -22.40 -35.54 -9.16
C GLN J 38 -22.03 -36.96 -8.71
N PHE J 39 -22.63 -37.95 -9.35
CA PHE J 39 -22.38 -39.34 -8.96
C PHE J 39 -21.61 -40.19 -9.97
N GLY J 40 -21.67 -39.80 -11.24
CA GLY J 40 -20.99 -40.57 -12.27
C GLY J 40 -21.99 -41.55 -12.82
N PRO J 41 -21.59 -42.49 -13.69
CA PRO J 41 -22.51 -43.48 -14.27
C PRO J 41 -23.47 -44.11 -13.27
N HIS J 42 -24.72 -44.31 -13.70
CA HIS J 42 -25.74 -44.90 -12.85
C HIS J 42 -25.39 -46.33 -12.42
N ASN J 43 -25.40 -46.56 -11.11
CA ASN J 43 -25.08 -47.86 -10.54
C ASN J 43 -26.29 -48.45 -9.79
N GLU J 44 -26.84 -49.52 -10.34
CA GLU J 44 -28.01 -50.20 -9.79
C GLU J 44 -27.95 -50.53 -8.29
N GLN J 45 -26.79 -50.97 -7.81
CA GLN J 45 -26.64 -51.31 -6.40
C GLN J 45 -26.34 -50.16 -5.46
N LYS J 46 -25.83 -49.07 -6.03
CA LYS J 46 -25.49 -47.91 -5.21
C LYS J 46 -26.61 -46.89 -5.30
N HIS J 47 -27.13 -46.69 -6.51
CA HIS J 47 -28.18 -45.73 -6.76
C HIS J 47 -29.58 -46.35 -6.79
N LYS J 48 -30.13 -46.65 -5.62
CA LYS J 48 -31.47 -47.23 -5.56
C LYS J 48 -32.49 -46.30 -4.90
N ALA J 49 -33.76 -46.57 -5.17
CA ALA J 49 -34.85 -45.75 -4.63
C ALA J 49 -34.57 -45.21 -3.24
N GLY J 50 -34.86 -43.92 -3.03
CA GLY J 50 -34.63 -43.30 -1.74
C GLY J 50 -33.22 -42.76 -1.62
N PHE J 51 -32.40 -43.02 -2.63
CA PHE J 51 -31.01 -42.55 -2.64
C PHE J 51 -30.92 -41.05 -2.82
N LEU J 52 -31.85 -40.49 -3.60
CA LEU J 52 -31.83 -39.08 -3.87
C LEU J 52 -32.70 -38.23 -2.97
N ASP J 53 -32.18 -37.05 -2.62
CA ASP J 53 -32.94 -36.10 -1.82
C ASP J 53 -33.56 -35.20 -2.91
N LEU J 54 -34.74 -35.60 -3.38
CA LEU J 54 -35.44 -34.87 -4.43
C LEU J 54 -35.39 -33.35 -4.36
N LYS J 55 -35.31 -32.79 -3.17
CA LYS J 55 -35.26 -31.33 -3.04
C LYS J 55 -33.98 -30.71 -3.61
N ASP J 56 -32.94 -31.52 -3.80
CA ASP J 56 -31.67 -31.04 -4.36
C ASP J 56 -31.53 -31.37 -5.84
N PHE J 57 -32.59 -31.92 -6.45
CA PHE J 57 -32.53 -32.30 -7.86
C PHE J 57 -33.75 -31.85 -8.67
N LEU J 58 -34.77 -31.33 -7.99
CA LEU J 58 -35.99 -30.90 -8.66
C LEU J 58 -36.58 -29.60 -8.13
N PRO J 59 -37.15 -28.78 -9.02
CA PRO J 59 -37.74 -27.51 -8.56
C PRO J 59 -38.78 -27.84 -7.49
N LYS J 60 -38.99 -26.92 -6.55
CA LYS J 60 -39.94 -27.15 -5.47
C LYS J 60 -41.23 -27.83 -5.93
N GLU J 61 -41.93 -27.18 -6.85
CA GLU J 61 -43.20 -27.68 -7.37
C GLU J 61 -43.23 -29.14 -7.82
N TYR J 62 -42.06 -29.75 -8.01
CA TYR J 62 -42.00 -31.14 -8.48
C TYR J 62 -41.50 -32.18 -7.46
N VAL J 63 -41.23 -31.73 -6.25
CA VAL J 63 -40.72 -32.62 -5.22
C VAL J 63 -41.68 -33.75 -4.85
N LYS J 64 -42.94 -33.41 -4.59
CA LYS J 64 -43.93 -34.43 -4.20
C LYS J 64 -44.59 -35.09 -5.42
N GLN J 65 -43.83 -35.29 -6.48
CA GLN J 65 -44.37 -35.90 -7.69
C GLN J 65 -43.91 -37.34 -7.90
N LYS J 66 -43.05 -37.82 -7.00
CA LYS J 66 -42.54 -39.19 -7.12
C LYS J 66 -41.95 -39.44 -8.51
N GLY J 67 -40.98 -38.60 -8.89
CA GLY J 67 -40.35 -38.74 -10.19
C GLY J 67 -38.92 -39.22 -10.09
N GLU J 68 -38.58 -39.86 -8.96
CA GLU J 68 -37.23 -40.37 -8.78
C GLU J 68 -36.99 -41.50 -9.76
N ARG J 69 -38.09 -42.12 -10.21
CA ARG J 69 -37.98 -43.20 -11.18
C ARG J 69 -37.58 -42.59 -12.52
N LYS J 70 -38.25 -41.50 -12.89
CA LYS J 70 -37.98 -40.81 -14.13
C LYS J 70 -36.56 -40.23 -14.15
N ILE J 71 -36.11 -39.74 -13.00
CA ILE J 71 -34.77 -39.17 -12.89
C ILE J 71 -33.71 -40.27 -13.11
N PHE J 72 -33.89 -41.40 -12.43
CA PHE J 72 -32.96 -42.51 -12.58
C PHE J 72 -32.92 -43.05 -14.01
N GLN J 73 -34.08 -43.02 -14.67
CA GLN J 73 -34.18 -43.47 -16.05
C GLN J 73 -33.35 -42.55 -16.93
N ALA J 74 -33.45 -41.24 -16.66
CA ALA J 74 -32.70 -40.24 -17.41
C ALA J 74 -31.22 -40.36 -17.06
N HIS J 75 -30.94 -40.65 -15.80
CA HIS J 75 -29.57 -40.82 -15.35
C HIS J 75 -28.95 -42.01 -16.05
N LYS J 76 -29.69 -43.12 -16.05
CA LYS J 76 -29.26 -44.36 -16.68
C LYS J 76 -29.04 -44.22 -18.18
N ASN J 77 -29.86 -43.41 -18.84
CA ASN J 77 -29.73 -43.22 -20.28
C ASN J 77 -28.47 -42.48 -20.69
N CYS J 78 -27.78 -41.87 -19.72
CA CYS J 78 -26.55 -41.13 -20.01
C CYS J 78 -25.35 -42.07 -20.25
N GLY J 79 -25.50 -43.34 -19.90
CA GLY J 79 -24.43 -44.29 -20.09
C GLY J 79 -23.19 -43.95 -19.27
N GLN J 80 -22.02 -44.03 -19.89
CA GLN J 80 -20.76 -43.69 -19.21
C GLN J 80 -20.35 -42.27 -19.54
N MET J 81 -21.31 -41.44 -19.94
CA MET J 81 -21.07 -40.05 -20.29
C MET J 81 -20.19 -39.38 -19.23
N SER J 82 -19.15 -38.68 -19.66
CA SER J 82 -18.26 -38.01 -18.71
C SER J 82 -18.97 -36.83 -18.05
N GLU J 83 -18.34 -36.25 -17.02
CA GLU J 83 -18.92 -35.11 -16.34
C GLU J 83 -18.96 -33.90 -17.28
N ILE J 84 -17.84 -33.64 -17.95
CA ILE J 84 -17.75 -32.51 -18.89
C ILE J 84 -18.86 -32.58 -19.93
N GLU J 85 -19.05 -33.75 -20.53
CA GLU J 85 -20.07 -33.91 -21.55
C GLU J 85 -21.48 -33.72 -21.00
N ALA J 86 -21.70 -34.21 -19.78
CA ALA J 86 -23.00 -34.08 -19.12
C ALA J 86 -23.33 -32.62 -18.82
N LYS J 87 -22.32 -31.84 -18.42
CA LYS J 87 -22.55 -30.43 -18.14
C LYS J 87 -22.93 -29.72 -19.44
N VAL J 88 -22.14 -29.97 -20.48
CA VAL J 88 -22.37 -29.38 -21.79
C VAL J 88 -23.80 -29.60 -22.28
N ARG J 89 -24.28 -30.84 -22.13
CA ARG J 89 -25.63 -31.21 -22.55
C ARG J 89 -26.69 -30.61 -21.63
N TYR J 90 -26.29 -30.24 -20.42
CA TYR J 90 -27.23 -29.65 -19.48
C TYR J 90 -27.50 -28.23 -19.95
N VAL J 91 -26.42 -27.50 -20.20
CA VAL J 91 -26.51 -26.12 -20.65
C VAL J 91 -27.25 -25.99 -21.97
N LYS J 92 -26.86 -26.79 -22.95
CA LYS J 92 -27.52 -26.74 -24.24
C LYS J 92 -29.02 -26.98 -24.13
N LEU J 93 -29.41 -27.99 -23.37
CA LEU J 93 -30.82 -28.30 -23.19
C LEU J 93 -31.56 -27.10 -22.58
N ALA J 94 -30.95 -26.45 -21.60
CA ALA J 94 -31.58 -25.31 -20.95
C ALA J 94 -31.74 -24.14 -21.93
N ARG J 95 -30.72 -23.93 -22.76
CA ARG J 95 -30.71 -22.85 -23.74
C ARG J 95 -31.66 -23.09 -24.91
N SER J 96 -31.99 -24.35 -25.15
CA SER J 96 -32.87 -24.75 -26.23
C SER J 96 -34.35 -24.61 -25.89
N LEU J 97 -34.64 -24.43 -24.60
CA LEU J 97 -36.02 -24.28 -24.17
C LEU J 97 -36.56 -22.89 -24.46
N LYS J 98 -37.85 -22.84 -24.80
CA LYS J 98 -38.54 -21.60 -25.11
C LYS J 98 -38.54 -20.67 -23.90
N THR J 99 -38.53 -21.26 -22.70
CA THR J 99 -38.56 -20.51 -21.45
C THR J 99 -37.21 -20.00 -20.91
N TYR J 100 -36.13 -20.32 -21.63
CA TYR J 100 -34.80 -19.88 -21.22
C TYR J 100 -34.53 -18.42 -21.54
N GLY J 101 -33.96 -17.70 -20.59
CA GLY J 101 -33.66 -16.30 -20.80
C GLY J 101 -34.90 -15.42 -20.85
N VAL J 102 -36.02 -15.98 -20.40
CA VAL J 102 -37.27 -15.24 -20.39
C VAL J 102 -37.61 -14.77 -18.98
N SER J 103 -37.87 -13.48 -18.81
CA SER J 103 -38.22 -12.94 -17.50
C SER J 103 -39.68 -13.27 -17.23
N PHE J 104 -39.93 -14.17 -16.27
CA PHE J 104 -41.29 -14.56 -15.95
C PHE J 104 -41.83 -13.91 -14.71
N PHE J 105 -43.15 -13.75 -14.68
CA PHE J 105 -43.87 -13.18 -13.56
C PHE J 105 -45.09 -14.07 -13.33
N LEU J 106 -45.39 -14.37 -12.07
CA LEU J 106 -46.54 -15.20 -11.76
C LEU J 106 -47.79 -14.34 -11.62
N VAL J 107 -48.64 -14.38 -12.62
CA VAL J 107 -49.87 -13.60 -12.60
C VAL J 107 -51.09 -14.51 -12.52
N LYS J 108 -52.26 -13.90 -12.49
CA LYS J 108 -53.50 -14.65 -12.41
C LYS J 108 -54.48 -14.18 -13.48
N GLU J 109 -55.10 -15.13 -14.16
CA GLU J 109 -56.07 -14.81 -15.21
C GLU J 109 -57.50 -15.07 -14.75
N LYS J 110 -58.37 -14.11 -15.04
CA LYS J 110 -59.78 -14.21 -14.69
C LYS J 110 -60.53 -14.48 -16.00
N MET J 111 -61.00 -15.72 -16.16
CA MET J 111 -61.72 -16.10 -17.37
C MET J 111 -63.08 -16.71 -17.01
N LYS J 112 -63.76 -17.27 -18.01
CA LYS J 112 -65.07 -17.88 -17.75
C LYS J 112 -64.91 -19.30 -17.22
N GLY J 113 -66.02 -20.04 -17.16
CA GLY J 113 -65.98 -21.40 -16.63
C GLY J 113 -66.10 -21.36 -15.12
N LYS J 114 -65.67 -20.24 -14.54
CA LYS J 114 -65.73 -20.03 -13.10
C LYS J 114 -65.38 -18.59 -12.73
N ASN J 115 -65.42 -18.29 -11.43
CA ASN J 115 -65.11 -16.95 -10.93
C ASN J 115 -63.75 -16.93 -10.27
N LYS J 116 -63.10 -18.09 -10.23
CA LYS J 116 -61.78 -18.21 -9.63
C LYS J 116 -60.71 -17.81 -10.65
N LEU J 117 -59.59 -17.30 -10.16
CA LEU J 117 -58.51 -16.87 -11.04
C LEU J 117 -57.49 -17.98 -11.28
N VAL J 118 -57.17 -18.20 -12.55
CA VAL J 118 -56.22 -19.23 -12.96
C VAL J 118 -54.79 -18.71 -12.97
N PRO J 119 -53.90 -19.28 -12.14
CA PRO J 119 -52.52 -18.82 -12.11
C PRO J 119 -51.85 -19.06 -13.47
N ARG J 120 -51.15 -18.06 -13.98
CA ARG J 120 -50.49 -18.17 -15.28
C ARG J 120 -49.09 -17.57 -15.29
N LEU J 121 -48.25 -18.07 -16.18
CA LEU J 121 -46.88 -17.58 -16.31
C LEU J 121 -46.77 -16.57 -17.45
N LEU J 122 -46.35 -15.35 -17.11
CA LEU J 122 -46.19 -14.30 -18.11
C LEU J 122 -44.72 -14.01 -18.36
N GLY J 123 -44.27 -14.33 -19.56
CA GLY J 123 -42.88 -14.11 -19.91
C GLY J 123 -42.67 -12.91 -20.83
N ILE J 124 -41.55 -12.22 -20.63
CA ILE J 124 -41.21 -11.04 -21.42
C ILE J 124 -39.78 -11.17 -21.93
N THR J 125 -39.59 -11.01 -23.24
CA THR J 125 -38.25 -11.07 -23.83
C THR J 125 -38.04 -9.77 -24.58
N LYS J 126 -36.85 -9.59 -25.15
CA LYS J 126 -36.54 -8.37 -25.89
C LYS J 126 -37.37 -8.26 -27.16
N GLU J 127 -38.10 -9.32 -27.51
CA GLU J 127 -38.90 -9.27 -28.73
C GLU J 127 -40.32 -9.82 -28.62
N CYS J 128 -40.74 -10.26 -27.44
CA CYS J 128 -42.10 -10.77 -27.31
C CYS J 128 -42.62 -11.01 -25.89
N VAL J 129 -43.94 -11.17 -25.81
CA VAL J 129 -44.66 -11.43 -24.56
C VAL J 129 -45.36 -12.76 -24.77
N MET J 130 -45.24 -13.66 -23.80
CA MET J 130 -45.84 -15.00 -23.91
C MET J 130 -46.67 -15.43 -22.70
N ARG J 131 -47.64 -16.28 -22.98
CA ARG J 131 -48.51 -16.85 -21.95
C ARG J 131 -48.07 -18.28 -21.83
N VAL J 132 -47.60 -18.66 -20.65
CA VAL J 132 -47.12 -20.01 -20.43
C VAL J 132 -47.99 -20.73 -19.42
N ASP J 133 -48.15 -22.04 -19.62
CA ASP J 133 -48.94 -22.85 -18.71
C ASP J 133 -48.20 -22.94 -17.38
N GLU J 134 -48.88 -22.57 -16.29
CA GLU J 134 -48.28 -22.58 -14.96
C GLU J 134 -47.78 -23.97 -14.57
N LYS J 135 -48.40 -25.01 -15.12
CA LYS J 135 -48.02 -26.38 -14.82
C LYS J 135 -47.16 -27.04 -15.89
N THR J 136 -47.73 -27.23 -17.08
CA THR J 136 -47.01 -27.86 -18.19
C THR J 136 -45.90 -27.00 -18.78
N LYS J 137 -45.89 -25.71 -18.42
CA LYS J 137 -44.88 -24.79 -18.92
C LYS J 137 -44.94 -24.63 -20.42
N GLU J 138 -46.07 -25.03 -21.01
CA GLU J 138 -46.26 -24.92 -22.45
C GLU J 138 -46.66 -23.49 -22.81
N VAL J 139 -46.23 -23.03 -23.98
CA VAL J 139 -46.57 -21.70 -24.45
C VAL J 139 -47.96 -21.72 -25.08
N ILE J 140 -48.95 -21.22 -24.34
CA ILE J 140 -50.32 -21.17 -24.80
C ILE J 140 -50.50 -20.15 -25.91
N GLN J 141 -49.93 -18.96 -25.72
CA GLN J 141 -50.03 -17.89 -26.70
C GLN J 141 -48.88 -16.89 -26.58
N GLU J 142 -48.32 -16.52 -27.73
CA GLU J 142 -47.21 -15.59 -27.77
C GLU J 142 -47.56 -14.37 -28.61
N TRP J 143 -47.04 -13.21 -28.22
CA TRP J 143 -47.28 -11.97 -28.94
C TRP J 143 -45.98 -11.28 -29.28
N SER J 144 -45.95 -10.58 -30.41
CA SER J 144 -44.76 -9.83 -30.82
C SER J 144 -44.83 -8.44 -30.18
N LEU J 145 -43.70 -7.95 -29.68
CA LEU J 145 -43.68 -6.63 -29.04
C LEU J 145 -44.23 -5.57 -29.99
N THR J 146 -43.98 -5.78 -31.28
CA THR J 146 -44.41 -4.86 -32.32
C THR J 146 -45.93 -4.82 -32.52
N ASN J 147 -46.65 -5.70 -31.86
CA ASN J 147 -48.11 -5.72 -32.01
C ASN J 147 -48.76 -5.00 -30.84
N ILE J 148 -47.95 -4.53 -29.90
CA ILE J 148 -48.44 -3.82 -28.73
C ILE J 148 -48.73 -2.35 -29.04
N LYS J 149 -49.96 -1.92 -28.76
CA LYS J 149 -50.35 -0.53 -29.01
C LYS J 149 -50.12 0.30 -27.76
N ARG J 150 -50.48 -0.25 -26.61
CA ARG J 150 -50.31 0.44 -25.32
C ARG J 150 -50.48 -0.54 -24.17
N TRP J 151 -50.14 -0.10 -22.97
CA TRP J 151 -50.25 -0.94 -21.79
C TRP J 151 -50.58 -0.10 -20.57
N ALA J 152 -51.33 -0.68 -19.64
CA ALA J 152 -51.71 0.00 -18.40
C ALA J 152 -51.18 -0.77 -17.21
N ALA J 153 -50.54 -0.07 -16.26
CA ALA J 153 -50.00 -0.73 -15.09
C ALA J 153 -50.54 -0.14 -13.79
N SER J 154 -51.33 -0.92 -13.08
CA SER J 154 -51.89 -0.49 -11.80
C SER J 154 -51.23 -1.36 -10.73
N PRO J 155 -51.24 -0.90 -9.47
CA PRO J 155 -50.63 -1.67 -8.38
C PRO J 155 -51.39 -2.97 -8.03
N LYS J 156 -52.31 -3.38 -8.91
CA LYS J 156 -53.09 -4.58 -8.67
C LYS J 156 -53.26 -5.44 -9.94
N SER J 157 -52.86 -4.88 -11.10
CA SER J 157 -52.97 -5.60 -12.35
C SER J 157 -52.10 -5.00 -13.45
N PHE J 158 -52.13 -5.61 -14.62
CA PHE J 158 -51.38 -5.17 -15.79
C PHE J 158 -52.21 -5.50 -17.03
N THR J 159 -52.36 -4.53 -17.93
CA THR J 159 -53.15 -4.74 -19.14
C THR J 159 -52.37 -4.46 -20.42
N LEU J 160 -52.64 -5.26 -21.45
CA LEU J 160 -51.97 -5.12 -22.73
C LEU J 160 -52.98 -4.90 -23.87
N ASP J 161 -52.79 -3.84 -24.63
CA ASP J 161 -53.65 -3.53 -25.75
C ASP J 161 -52.86 -3.70 -27.03
N PHE J 162 -53.23 -4.70 -27.82
CA PHE J 162 -52.56 -4.99 -29.08
C PHE J 162 -53.30 -4.26 -30.21
N GLY J 163 -54.34 -3.53 -29.83
CA GLY J 163 -55.09 -2.77 -30.81
C GLY J 163 -55.77 -3.54 -31.92
N ASP J 164 -55.16 -3.55 -33.10
CA ASP J 164 -55.71 -4.25 -34.25
C ASP J 164 -55.71 -5.75 -34.11
N TYR J 165 -54.50 -6.33 -34.03
CA TYR J 165 -54.28 -7.77 -33.87
C TYR J 165 -55.47 -8.61 -33.49
N GLN J 166 -55.85 -8.54 -32.22
CA GLN J 166 -56.98 -9.33 -31.71
C GLN J 166 -58.06 -8.48 -31.05
N ASP J 167 -59.17 -9.10 -30.68
CA ASP J 167 -60.27 -8.41 -30.02
C ASP J 167 -60.06 -8.54 -28.51
N GLY J 168 -60.44 -7.51 -27.76
CA GLY J 168 -60.28 -7.55 -26.32
C GLY J 168 -58.83 -7.50 -25.89
N TYR J 169 -58.59 -6.96 -24.69
CA TYR J 169 -57.23 -6.86 -24.16
C TYR J 169 -56.78 -8.15 -23.51
N TYR J 170 -55.83 -8.01 -22.60
CA TYR J 170 -55.27 -9.10 -21.83
C TYR J 170 -54.95 -8.54 -20.46
N SER J 171 -55.80 -8.83 -19.48
CA SER J 171 -55.58 -8.34 -18.13
C SER J 171 -55.28 -9.45 -17.12
N VAL J 172 -54.32 -9.18 -16.25
CA VAL J 172 -53.93 -10.16 -15.23
C VAL J 172 -53.79 -9.46 -13.89
N GLN J 173 -54.02 -10.22 -12.82
CA GLN J 173 -53.90 -9.68 -11.47
C GLN J 173 -52.47 -9.87 -10.98
N THR J 174 -51.78 -8.77 -10.72
CA THR J 174 -50.39 -8.85 -10.25
C THR J 174 -49.97 -7.60 -9.49
N THR J 175 -49.09 -7.80 -8.50
CA THR J 175 -48.59 -6.70 -7.69
C THR J 175 -47.30 -6.19 -8.32
N GLU J 176 -46.97 -6.76 -9.48
CA GLU J 176 -45.76 -6.40 -10.20
C GLU J 176 -46.06 -5.70 -11.53
N GLY J 177 -47.27 -5.16 -11.66
CA GLY J 177 -47.66 -4.47 -12.89
C GLY J 177 -46.67 -3.40 -13.31
N GLU J 178 -46.03 -2.78 -12.32
CA GLU J 178 -45.05 -1.72 -12.56
C GLU J 178 -43.76 -2.33 -13.10
N GLN J 179 -43.33 -3.43 -12.50
CA GLN J 179 -42.11 -4.11 -12.90
C GLN J 179 -42.23 -4.60 -14.35
N ILE J 180 -43.39 -5.17 -14.66
CA ILE J 180 -43.66 -5.71 -16.00
C ILE J 180 -43.72 -4.60 -17.04
N ALA J 181 -44.46 -3.54 -16.74
CA ALA J 181 -44.58 -2.42 -17.67
C ALA J 181 -43.22 -1.84 -18.05
N GLN J 182 -42.39 -1.56 -17.04
CA GLN J 182 -41.06 -0.99 -17.27
C GLN J 182 -40.16 -1.91 -18.09
N LEU J 183 -40.29 -3.22 -17.87
CA LEU J 183 -39.49 -4.19 -18.60
C LEU J 183 -39.82 -4.09 -20.09
N ILE J 184 -41.12 -4.04 -20.38
CA ILE J 184 -41.60 -3.93 -21.75
C ILE J 184 -41.16 -2.62 -22.40
N ALA J 185 -41.33 -1.52 -21.68
CA ALA J 185 -40.95 -0.20 -22.19
C ALA J 185 -39.49 -0.20 -22.63
N GLY J 186 -38.61 -0.66 -21.75
CA GLY J 186 -37.19 -0.69 -22.08
C GLY J 186 -36.89 -1.41 -23.38
N TYR J 187 -37.48 -2.59 -23.54
CA TYR J 187 -37.27 -3.40 -24.74
C TYR J 187 -37.81 -2.70 -25.99
N ILE J 188 -38.96 -2.06 -25.87
CA ILE J 188 -39.55 -1.36 -27.02
C ILE J 188 -38.71 -0.16 -27.45
N ASP J 189 -38.11 0.54 -26.49
CA ASP J 189 -37.27 1.69 -26.81
C ASP J 189 -36.06 1.33 -27.67
N ILE J 190 -35.49 0.15 -27.40
CA ILE J 190 -34.32 -0.32 -28.15
C ILE J 190 -34.62 -0.69 -29.61
N ILE J 191 -35.79 -1.29 -29.84
CA ILE J 191 -36.17 -1.75 -31.17
C ILE J 191 -36.22 -0.67 -32.26
N LEU J 192 -36.82 0.48 -31.96
CA LEU J 192 -36.92 1.56 -32.94
C LEU J 192 -35.54 2.18 -33.22
N SER K 4 -52.77 5.72 -16.13
CA SER K 4 -53.61 5.18 -17.23
C SER K 4 -52.74 4.65 -18.38
N TRP K 5 -53.33 4.52 -19.56
CA TRP K 5 -52.62 4.01 -20.73
C TRP K 5 -51.27 4.65 -21.02
N VAL K 6 -50.43 3.87 -21.69
CA VAL K 6 -49.10 4.29 -22.10
C VAL K 6 -48.96 3.68 -23.50
N TYR K 7 -48.68 4.52 -24.49
CA TYR K 7 -48.58 4.01 -25.86
C TYR K 7 -47.20 3.56 -26.31
N SER K 8 -47.19 2.64 -27.25
CA SER K 8 -45.96 2.10 -27.81
C SER K 8 -45.55 2.92 -29.03
N PRO K 9 -44.33 3.47 -29.02
CA PRO K 9 -43.84 4.28 -30.14
C PRO K 9 -43.93 3.52 -31.46
N LEU K 10 -43.75 2.20 -31.38
CA LEU K 10 -43.79 1.34 -32.57
C LEU K 10 -45.07 1.46 -33.39
N HIS K 11 -46.19 1.77 -32.74
CA HIS K 11 -47.44 1.90 -33.49
C HIS K 11 -47.73 3.33 -33.94
N TYR K 12 -46.72 4.18 -33.87
CA TYR K 12 -46.87 5.56 -34.30
C TYR K 12 -46.60 5.60 -35.81
N SER K 13 -47.17 6.57 -36.50
CA SER K 13 -46.95 6.66 -37.94
C SER K 13 -45.45 6.87 -38.18
N ALA K 14 -44.98 6.49 -39.37
CA ALA K 14 -43.57 6.62 -39.69
C ALA K 14 -43.01 8.03 -39.48
N PRO L 1 -43.74 9.08 -39.88
CA PRO L 1 -43.26 10.45 -39.69
C PRO L 1 -43.06 10.83 -38.23
N VAL L 2 -43.95 10.36 -37.36
CA VAL L 2 -43.86 10.63 -35.94
C VAL L 2 -42.63 9.92 -35.38
N GLN L 3 -42.42 8.69 -35.79
CA GLN L 3 -41.26 7.91 -35.33
C GLN L 3 -39.98 8.58 -35.80
N LEU L 4 -40.03 9.21 -36.98
CA LEU L 4 -38.88 9.88 -37.55
C LEU L 4 -38.50 11.07 -36.68
N ASN L 5 -39.50 11.79 -36.20
CA ASN L 5 -39.26 12.94 -35.35
C ASN L 5 -38.64 12.51 -34.03
N LEU L 6 -39.19 11.47 -33.44
CA LEU L 6 -38.66 10.93 -32.20
C LEU L 6 -37.18 10.58 -32.41
N LEU L 7 -36.88 9.89 -33.49
CA LEU L 7 -35.50 9.52 -33.81
C LEU L 7 -34.63 10.74 -34.05
N TYR L 8 -35.17 11.70 -34.80
CA TYR L 8 -34.44 12.94 -35.10
C TYR L 8 -34.07 13.66 -33.80
N VAL L 9 -35.08 14.02 -33.02
CA VAL L 9 -34.89 14.71 -31.75
C VAL L 9 -33.72 14.12 -30.96
N GLN L 10 -33.72 12.79 -30.80
CA GLN L 10 -32.67 12.11 -30.05
C GLN L 10 -31.26 12.34 -30.60
N ALA L 11 -31.06 11.99 -31.87
CA ALA L 11 -29.76 12.16 -32.51
C ALA L 11 -29.26 13.59 -32.39
N ARG L 12 -30.16 14.55 -32.60
CA ARG L 12 -29.82 15.96 -32.51
C ARG L 12 -29.37 16.35 -31.10
N ASP L 13 -30.22 16.08 -30.11
CA ASP L 13 -29.91 16.42 -28.72
C ASP L 13 -28.62 15.73 -28.28
N ASP L 14 -28.39 14.51 -28.74
CA ASP L 14 -27.18 13.79 -28.37
C ASP L 14 -25.95 14.52 -28.92
N ILE L 15 -26.09 15.06 -30.12
CA ILE L 15 -24.99 15.77 -30.75
C ILE L 15 -24.79 17.15 -30.12
N LEU L 16 -25.90 17.83 -29.81
CA LEU L 16 -25.81 19.16 -29.21
C LEU L 16 -25.29 19.21 -27.78
N ASN L 17 -25.58 18.18 -26.99
CA ASN L 17 -25.12 18.17 -25.60
C ASN L 17 -23.78 17.47 -25.40
N GLY L 18 -23.25 16.86 -26.46
CA GLY L 18 -21.97 16.20 -26.36
C GLY L 18 -21.98 14.70 -26.15
N SER L 19 -23.16 14.12 -25.94
CA SER L 19 -23.27 12.68 -25.75
C SER L 19 -22.64 11.96 -26.93
N HIS L 20 -22.91 12.48 -28.12
CA HIS L 20 -22.39 11.91 -29.36
C HIS L 20 -21.32 12.82 -29.96
N PRO L 21 -20.06 12.62 -29.55
CA PRO L 21 -18.93 13.42 -30.03
C PRO L 21 -18.74 13.31 -31.54
N VAL L 22 -18.78 14.46 -32.21
CA VAL L 22 -18.60 14.52 -33.66
C VAL L 22 -17.56 15.59 -33.94
N SER L 23 -17.04 15.60 -35.17
CA SER L 23 -16.04 16.58 -35.57
C SER L 23 -16.68 17.94 -35.84
N PHE L 24 -15.84 18.96 -35.98
CA PHE L 24 -16.31 20.31 -36.25
C PHE L 24 -16.97 20.35 -37.62
N ASP L 25 -16.38 19.66 -38.59
CA ASP L 25 -16.93 19.61 -39.93
C ASP L 25 -18.30 18.95 -39.97
N LYS L 26 -18.46 17.89 -39.18
CA LYS L 26 -19.71 17.15 -39.10
C LYS L 26 -20.78 17.90 -38.33
N ALA L 27 -20.36 18.61 -37.28
CA ALA L 27 -21.28 19.39 -36.47
C ALA L 27 -21.97 20.42 -37.36
N CYS L 28 -21.20 21.01 -38.26
CA CYS L 28 -21.72 22.01 -39.18
C CYS L 28 -22.64 21.39 -40.23
N GLU L 29 -22.36 20.15 -40.62
CA GLU L 29 -23.19 19.47 -41.59
C GLU L 29 -24.58 19.27 -40.97
N PHE L 30 -24.61 18.72 -39.76
CA PHE L 30 -25.86 18.51 -39.05
C PHE L 30 -26.58 19.84 -38.93
N ALA L 31 -25.85 20.85 -38.48
CA ALA L 31 -26.39 22.19 -38.32
C ALA L 31 -27.13 22.60 -39.59
N GLY L 32 -26.51 22.36 -40.75
CA GLY L 32 -27.13 22.68 -42.01
C GLY L 32 -28.51 22.06 -42.14
N PHE L 33 -28.62 20.77 -41.79
CA PHE L 33 -29.88 20.07 -41.84
C PHE L 33 -30.87 20.69 -40.85
N GLN L 34 -30.38 20.96 -39.64
CA GLN L 34 -31.17 21.56 -38.59
C GLN L 34 -31.82 22.87 -39.05
N CYS L 35 -31.07 23.65 -39.83
CA CYS L 35 -31.59 24.92 -40.33
C CYS L 35 -32.68 24.68 -41.36
N GLN L 36 -32.41 23.78 -42.30
CA GLN L 36 -33.40 23.46 -43.32
C GLN L 36 -34.71 23.07 -42.61
N ILE L 37 -34.57 22.22 -41.61
CA ILE L 37 -35.70 21.73 -40.83
C ILE L 37 -36.49 22.79 -40.09
N GLN L 38 -35.77 23.67 -39.37
CA GLN L 38 -36.42 24.71 -38.59
C GLN L 38 -36.76 26.00 -39.34
N PHE L 39 -36.03 26.30 -40.41
CA PHE L 39 -36.25 27.53 -41.18
C PHE L 39 -36.70 27.30 -42.60
N GLY L 40 -36.50 26.09 -43.10
CA GLY L 40 -36.87 25.80 -44.48
C GLY L 40 -35.70 26.17 -45.36
N PRO L 41 -35.85 26.11 -46.70
CA PRO L 41 -34.77 26.46 -47.63
C PRO L 41 -34.03 27.74 -47.22
N HIS L 42 -32.72 27.76 -47.45
CA HIS L 42 -31.90 28.91 -47.10
C HIS L 42 -32.24 30.14 -47.95
N ASN L 43 -32.53 31.25 -47.27
CA ASN L 43 -32.87 32.50 -47.94
C ASN L 43 -31.83 33.54 -47.57
N GLU L 44 -31.12 34.05 -48.57
CA GLU L 44 -30.07 35.03 -48.35
C GLU L 44 -30.55 36.31 -47.66
N GLN L 45 -31.77 36.75 -47.97
CA GLN L 45 -32.33 37.96 -47.38
C GLN L 45 -32.79 37.76 -45.96
N LYS L 46 -33.15 36.53 -45.60
CA LYS L 46 -33.61 36.22 -44.26
C LYS L 46 -32.50 35.67 -43.36
N HIS L 47 -31.79 34.69 -43.88
CA HIS L 47 -30.73 34.03 -43.11
C HIS L 47 -29.35 34.59 -43.42
N LYS L 48 -29.03 35.71 -42.79
CA LYS L 48 -27.74 36.34 -42.98
C LYS L 48 -26.96 36.30 -41.67
N ALA L 49 -25.67 36.56 -41.76
CA ALA L 49 -24.80 36.52 -40.60
C ALA L 49 -25.41 37.12 -39.35
N GLY L 50 -25.17 36.48 -38.21
CA GLY L 50 -25.69 36.95 -36.95
C GLY L 50 -27.09 36.44 -36.68
N PHE L 51 -27.69 35.83 -37.69
CA PHE L 51 -29.03 35.28 -37.57
C PHE L 51 -29.05 34.10 -36.62
N LEU L 52 -28.19 33.12 -36.89
CA LEU L 52 -28.11 31.92 -36.08
C LEU L 52 -27.59 32.04 -34.67
N ASP L 53 -28.27 31.31 -33.79
CA ASP L 53 -27.90 31.24 -32.39
C ASP L 53 -27.05 29.96 -32.36
N LEU L 54 -25.75 30.13 -32.52
CA LEU L 54 -24.84 29.00 -32.52
C LEU L 54 -24.99 28.08 -31.33
N LYS L 55 -25.48 28.63 -30.22
CA LYS L 55 -25.67 27.83 -29.02
C LYS L 55 -26.73 26.76 -29.21
N ASP L 56 -27.62 26.97 -30.17
CA ASP L 56 -28.68 26.01 -30.44
C ASP L 56 -28.46 25.17 -31.69
N PHE L 57 -27.27 25.26 -32.28
CA PHE L 57 -26.98 24.51 -33.52
C PHE L 57 -25.64 23.80 -33.53
N LEU L 58 -24.83 24.05 -32.51
CA LEU L 58 -23.52 23.43 -32.41
C LEU L 58 -23.18 22.97 -31.01
N PRO L 59 -22.40 21.88 -30.89
CA PRO L 59 -22.05 21.38 -29.56
C PRO L 59 -21.21 22.45 -28.86
N LYS L 60 -21.33 22.54 -27.54
CA LYS L 60 -20.61 23.54 -26.77
C LYS L 60 -19.21 23.82 -27.34
N GLU L 61 -18.34 22.82 -27.27
CA GLU L 61 -16.97 22.93 -27.75
C GLU L 61 -16.79 23.63 -29.11
N TYR L 62 -17.87 23.76 -29.87
CA TYR L 62 -17.78 24.38 -31.18
C TYR L 62 -18.41 25.76 -31.31
N VAL L 63 -19.06 26.23 -30.25
CA VAL L 63 -19.71 27.54 -30.29
C VAL L 63 -18.80 28.68 -30.73
N LYS L 64 -17.70 28.88 -30.00
CA LYS L 64 -16.76 29.97 -30.31
C LYS L 64 -15.80 29.68 -31.48
N GLN L 65 -16.26 28.90 -32.44
CA GLN L 65 -15.44 28.56 -33.60
C GLN L 65 -15.75 29.35 -34.87
N LYS L 66 -16.74 30.25 -34.79
CA LYS L 66 -17.12 31.06 -35.95
C LYS L 66 -17.37 30.18 -37.18
N GLY L 67 -18.32 29.27 -37.07
CA GLY L 67 -18.63 28.39 -38.18
C GLY L 67 -19.98 28.62 -38.81
N GLU L 68 -20.56 29.79 -38.56
CA GLU L 68 -21.86 30.13 -39.11
C GLU L 68 -21.80 30.12 -40.63
N ARG L 69 -20.60 30.30 -41.17
CA ARG L 69 -20.41 30.30 -42.61
C ARG L 69 -20.48 28.86 -43.14
N LYS L 70 -19.90 27.94 -42.38
CA LYS L 70 -19.91 26.54 -42.75
C LYS L 70 -21.32 25.96 -42.63
N ILE L 71 -22.06 26.42 -41.62
CA ILE L 71 -23.42 25.96 -41.39
C ILE L 71 -24.33 26.46 -42.50
N PHE L 72 -24.24 27.75 -42.79
CA PHE L 72 -25.05 28.32 -43.86
C PHE L 72 -24.66 27.67 -45.19
N GLN L 73 -23.39 27.33 -45.32
CA GLN L 73 -22.90 26.67 -46.53
C GLN L 73 -23.70 25.37 -46.66
N ALA L 74 -23.69 24.59 -45.59
CA ALA L 74 -24.39 23.30 -45.53
C ALA L 74 -25.90 23.47 -45.65
N HIS L 75 -26.42 24.59 -45.13
CA HIS L 75 -27.84 24.87 -45.19
C HIS L 75 -28.22 25.17 -46.63
N LYS L 76 -27.33 25.87 -47.32
CA LYS L 76 -27.53 26.26 -48.71
C LYS L 76 -27.51 25.02 -49.63
N ASN L 77 -26.58 24.10 -49.37
CA ASN L 77 -26.47 22.90 -50.18
C ASN L 77 -27.65 21.95 -50.07
N CYS L 78 -28.55 22.21 -49.12
CA CYS L 78 -29.72 21.35 -48.96
C CYS L 78 -30.78 21.66 -50.00
N GLY L 79 -30.59 22.76 -50.74
CA GLY L 79 -31.54 23.14 -51.75
C GLY L 79 -32.96 23.28 -51.24
N GLN L 80 -33.92 22.68 -51.93
CA GLN L 80 -35.32 22.75 -51.50
C GLN L 80 -35.77 21.48 -50.78
N MET L 81 -34.81 20.71 -50.28
CA MET L 81 -35.05 19.48 -49.52
C MET L 81 -36.16 19.65 -48.48
N SER L 82 -37.13 18.74 -48.45
CA SER L 82 -38.23 18.82 -47.48
C SER L 82 -37.76 18.56 -46.05
N GLU L 83 -38.59 18.92 -45.08
CA GLU L 83 -38.28 18.71 -43.68
C GLU L 83 -38.07 17.22 -43.43
N ILE L 84 -39.01 16.39 -43.90
CA ILE L 84 -38.93 14.95 -43.73
C ILE L 84 -37.60 14.41 -44.24
N GLU L 85 -37.25 14.75 -45.48
CA GLU L 85 -36.00 14.27 -46.06
C GLU L 85 -34.80 14.76 -45.25
N ALA L 86 -34.88 16.01 -44.79
CA ALA L 86 -33.80 16.60 -43.99
C ALA L 86 -33.59 15.80 -42.71
N LYS L 87 -34.70 15.40 -42.10
CA LYS L 87 -34.66 14.63 -40.87
C LYS L 87 -34.06 13.25 -41.10
N VAL L 88 -34.43 12.63 -42.23
CA VAL L 88 -33.96 11.30 -42.61
C VAL L 88 -32.44 11.29 -42.85
N ARG L 89 -31.93 12.34 -43.48
CA ARG L 89 -30.50 12.45 -43.75
C ARG L 89 -29.71 12.72 -42.47
N TYR L 90 -30.31 13.46 -41.55
CA TYR L 90 -29.65 13.78 -40.28
C TYR L 90 -29.42 12.51 -39.48
N VAL L 91 -30.46 11.69 -39.39
CA VAL L 91 -30.38 10.45 -38.64
C VAL L 91 -29.38 9.48 -39.28
N LYS L 92 -29.45 9.33 -40.60
CA LYS L 92 -28.54 8.43 -41.29
C LYS L 92 -27.09 8.86 -41.14
N LEU L 93 -26.86 10.16 -41.17
CA LEU L 93 -25.50 10.67 -41.02
C LEU L 93 -25.01 10.30 -39.63
N ALA L 94 -25.81 10.66 -38.62
CA ALA L 94 -25.46 10.38 -37.23
C ALA L 94 -25.15 8.88 -37.06
N ARG L 95 -25.99 8.04 -37.63
CA ARG L 95 -25.84 6.59 -37.54
C ARG L 95 -24.65 6.01 -38.32
N SER L 96 -24.23 6.71 -39.37
CA SER L 96 -23.10 6.24 -40.18
C SER L 96 -21.75 6.54 -39.54
N LEU L 97 -21.75 7.35 -38.50
CA LEU L 97 -20.51 7.72 -37.82
C LEU L 97 -19.99 6.65 -36.85
N LYS L 98 -18.66 6.52 -36.83
CA LYS L 98 -17.97 5.56 -35.98
C LYS L 98 -18.24 5.79 -34.49
N THR L 99 -18.57 7.02 -34.13
CA THR L 99 -18.83 7.38 -32.73
C THR L 99 -20.28 7.17 -32.30
N TYR L 100 -21.13 6.80 -33.25
CA TYR L 100 -22.54 6.59 -32.95
C TYR L 100 -22.77 5.37 -32.04
N GLY L 101 -23.59 5.55 -31.02
CA GLY L 101 -23.89 4.45 -30.11
C GLY L 101 -22.76 4.00 -29.21
N VAL L 102 -21.83 4.91 -28.92
CA VAL L 102 -20.70 4.58 -28.06
C VAL L 102 -20.65 5.47 -26.83
N SER L 103 -20.63 4.85 -25.65
CA SER L 103 -20.55 5.59 -24.40
C SER L 103 -19.14 6.16 -24.28
N PHE L 104 -19.01 7.47 -24.29
CA PHE L 104 -17.69 8.09 -24.18
C PHE L 104 -17.39 8.65 -22.80
N PHE L 105 -16.11 8.62 -22.46
CA PHE L 105 -15.63 9.17 -21.20
C PHE L 105 -14.41 10.03 -21.53
N LEU L 106 -14.30 11.18 -20.89
CA LEU L 106 -13.16 12.04 -21.14
C LEU L 106 -12.08 11.71 -20.12
N VAL L 107 -10.97 11.16 -20.62
CA VAL L 107 -9.84 10.78 -19.76
C VAL L 107 -8.59 11.54 -20.19
N LYS L 108 -7.48 11.22 -19.54
CA LYS L 108 -6.21 11.86 -19.86
C LYS L 108 -5.11 10.81 -20.00
N GLU L 109 -4.28 10.96 -21.04
CA GLU L 109 -3.19 10.02 -21.29
C GLU L 109 -1.82 10.62 -21.01
N LYS L 110 -1.04 9.92 -20.19
CA LYS L 110 0.30 10.37 -19.84
C LYS L 110 1.30 9.60 -20.71
N MET L 111 1.86 10.28 -21.71
CA MET L 111 2.81 9.66 -22.62
C MET L 111 4.12 10.42 -22.64
N LYS L 112 5.01 10.07 -23.56
CA LYS L 112 6.30 10.77 -23.64
C LYS L 112 6.19 12.05 -24.46
N GLY L 113 7.33 12.67 -24.73
CA GLY L 113 7.32 13.92 -25.47
C GLY L 113 7.13 15.08 -24.49
N LYS L 114 6.51 14.78 -23.36
CA LYS L 114 6.27 15.76 -22.32
C LYS L 114 5.72 15.12 -21.04
N ASN L 115 5.56 15.93 -20.01
CA ASN L 115 5.05 15.48 -18.71
C ASN L 115 3.57 15.81 -18.56
N LYS L 116 3.05 16.60 -19.50
CA LYS L 116 1.65 16.99 -19.49
C LYS L 116 0.78 15.84 -19.99
N LEU L 117 -0.46 15.79 -19.52
CA LEU L 117 -1.37 14.72 -19.93
C LEU L 117 -2.23 15.13 -21.12
N VAL L 118 -2.37 14.23 -22.08
CA VAL L 118 -3.16 14.49 -23.28
C VAL L 118 -4.59 13.99 -23.13
N PRO L 119 -5.57 14.92 -23.13
CA PRO L 119 -6.99 14.56 -22.99
C PRO L 119 -7.39 13.62 -24.13
N ARG L 120 -7.99 12.49 -23.77
CA ARG L 120 -8.41 11.52 -24.78
C ARG L 120 -9.85 11.06 -24.57
N LEU L 121 -10.49 10.66 -25.67
CA LEU L 121 -11.88 10.19 -25.62
C LEU L 121 -11.89 8.67 -25.60
N LEU L 122 -12.44 8.12 -24.52
CA LEU L 122 -12.52 6.67 -24.38
C LEU L 122 -13.95 6.19 -24.64
N GLY L 123 -14.10 5.32 -25.62
CA GLY L 123 -15.42 4.82 -25.96
C GLY L 123 -15.60 3.35 -25.66
N ILE L 124 -16.75 2.98 -25.13
CA ILE L 124 -17.04 1.59 -24.79
C ILE L 124 -18.30 1.06 -25.47
N THR L 125 -18.16 -0.04 -26.21
CA THR L 125 -19.32 -0.64 -26.88
C THR L 125 -19.51 -2.05 -26.33
N LYS L 126 -20.63 -2.69 -26.66
CA LYS L 126 -20.88 -4.03 -26.17
C LYS L 126 -19.91 -5.05 -26.76
N GLU L 127 -19.04 -4.58 -27.66
CA GLU L 127 -18.07 -5.47 -28.29
C GLU L 127 -16.66 -4.90 -28.44
N CYS L 128 -16.44 -3.65 -28.05
CA CYS L 128 -15.10 -3.10 -28.18
C CYS L 128 -14.84 -1.85 -27.35
N VAL L 129 -13.55 -1.55 -27.17
CA VAL L 129 -13.10 -0.37 -26.45
C VAL L 129 -12.23 0.42 -27.44
N MET L 130 -12.53 1.71 -27.60
CA MET L 130 -11.78 2.53 -28.55
C MET L 130 -11.11 3.78 -27.98
N ARG L 131 -10.10 4.25 -28.70
CA ARG L 131 -9.37 5.46 -28.34
C ARG L 131 -9.69 6.48 -29.42
N VAL L 132 -10.41 7.54 -29.06
CA VAL L 132 -10.78 8.56 -30.02
C VAL L 132 -10.06 9.88 -29.81
N ASP L 133 -9.73 10.55 -30.92
CA ASP L 133 -9.03 11.83 -30.85
C ASP L 133 -9.95 12.90 -30.27
N GLU L 134 -9.53 13.47 -29.14
CA GLU L 134 -10.30 14.50 -28.44
C GLU L 134 -10.73 15.63 -29.38
N LYS L 135 -9.92 15.88 -30.41
CA LYS L 135 -10.22 16.95 -31.36
C LYS L 135 -10.81 16.44 -32.67
N THR L 136 -9.99 15.76 -33.47
CA THR L 136 -10.44 15.26 -34.77
C THR L 136 -11.57 14.24 -34.65
N LYS L 137 -11.72 13.65 -33.47
CA LYS L 137 -12.75 12.64 -33.22
C LYS L 137 -12.48 11.39 -34.05
N GLU L 138 -11.23 11.24 -34.49
CA GLU L 138 -10.83 10.08 -35.26
C GLU L 138 -10.50 8.97 -34.28
N VAL L 139 -10.72 7.72 -34.68
CA VAL L 139 -10.41 6.59 -33.81
C VAL L 139 -8.94 6.22 -33.96
N ILE L 140 -8.16 6.48 -32.91
CA ILE L 140 -6.72 6.20 -32.91
C ILE L 140 -6.42 4.71 -32.81
N GLN L 141 -7.07 4.05 -31.85
CA GLN L 141 -6.87 2.62 -31.65
C GLN L 141 -8.16 2.00 -31.13
N GLU L 142 -8.41 0.76 -31.54
CA GLU L 142 -9.61 0.04 -31.12
C GLU L 142 -9.29 -1.39 -30.67
N TRP L 143 -9.85 -1.78 -29.54
CA TRP L 143 -9.64 -3.12 -29.01
C TRP L 143 -10.94 -3.90 -28.95
N SER L 144 -10.82 -5.22 -28.93
CA SER L 144 -11.98 -6.10 -28.85
C SER L 144 -12.11 -6.51 -27.39
N LEU L 145 -13.32 -6.43 -26.85
CA LEU L 145 -13.54 -6.82 -25.45
C LEU L 145 -12.97 -8.22 -25.19
N THR L 146 -12.95 -9.04 -26.24
CA THR L 146 -12.46 -10.40 -26.13
C THR L 146 -10.94 -10.50 -25.91
N ASN L 147 -10.22 -9.40 -26.11
CA ASN L 147 -8.78 -9.39 -25.92
C ASN L 147 -8.41 -8.91 -24.52
N ILE L 148 -9.41 -8.50 -23.76
CA ILE L 148 -9.22 -8.01 -22.40
C ILE L 148 -9.03 -9.13 -21.39
N LYS L 149 -7.89 -9.13 -20.71
CA LYS L 149 -7.58 -10.14 -19.70
C LYS L 149 -8.13 -9.74 -18.34
N ARG L 150 -7.84 -8.50 -17.93
CA ARG L 150 -8.31 -7.98 -16.65
C ARG L 150 -8.32 -6.45 -16.68
N TRP L 151 -8.88 -5.84 -15.66
CA TRP L 151 -8.96 -4.38 -15.59
C TRP L 151 -8.98 -3.90 -14.15
N ALA L 152 -8.35 -2.76 -13.88
CA ALA L 152 -8.30 -2.22 -12.53
C ALA L 152 -8.96 -0.85 -12.43
N ALA L 153 -9.89 -0.72 -11.50
CA ALA L 153 -10.61 0.52 -11.25
C ALA L 153 -10.03 1.26 -10.05
N SER L 154 -10.14 2.58 -10.08
CA SER L 154 -9.65 3.42 -9.00
C SER L 154 -10.17 4.84 -9.16
N PRO L 155 -10.18 5.60 -8.06
CA PRO L 155 -10.64 6.98 -8.04
C PRO L 155 -9.82 7.98 -8.87
N LYS L 156 -8.78 7.51 -9.53
CA LYS L 156 -7.96 8.41 -10.32
C LYS L 156 -7.53 7.81 -11.65
N SER L 157 -7.46 6.48 -11.71
CA SER L 157 -7.05 5.81 -12.92
C SER L 157 -7.84 4.56 -13.24
N PHE L 158 -7.83 4.20 -14.52
CA PHE L 158 -8.50 3.00 -15.00
C PHE L 158 -7.47 2.30 -15.89
N THR L 159 -7.18 1.04 -15.60
CA THR L 159 -6.21 0.32 -16.41
C THR L 159 -6.79 -0.90 -17.11
N LEU L 160 -6.31 -1.15 -18.32
CA LEU L 160 -6.75 -2.28 -19.12
C LEU L 160 -5.56 -3.16 -19.42
N ASP L 161 -5.73 -4.45 -19.20
CA ASP L 161 -4.68 -5.42 -19.44
C ASP L 161 -5.05 -6.41 -20.52
N PHE L 162 -4.58 -6.14 -21.74
CA PHE L 162 -4.82 -7.03 -22.88
C PHE L 162 -3.62 -7.98 -22.84
N GLY L 163 -3.75 -9.09 -22.12
CA GLY L 163 -2.66 -10.06 -22.02
C GLY L 163 -1.82 -10.28 -23.27
N ASP L 164 -2.18 -11.29 -24.06
CA ASP L 164 -1.46 -11.66 -25.30
C ASP L 164 -1.79 -10.87 -26.57
N TYR L 165 -1.92 -9.55 -26.45
CA TYR L 165 -2.25 -8.73 -27.61
C TYR L 165 -1.12 -7.75 -27.91
N GLN L 166 -0.84 -6.89 -26.95
CA GLN L 166 0.21 -5.87 -27.06
C GLN L 166 1.05 -5.86 -25.78
N ASP L 167 2.21 -5.19 -25.83
CA ASP L 167 3.05 -5.12 -24.64
C ASP L 167 2.57 -3.93 -23.81
N GLY L 168 2.75 -4.02 -22.49
CA GLY L 168 2.31 -2.94 -21.62
C GLY L 168 0.81 -2.78 -21.57
N TYR L 169 0.33 -2.04 -20.58
CA TYR L 169 -1.11 -1.81 -20.41
C TYR L 169 -1.61 -0.56 -21.12
N TYR L 170 -2.65 0.02 -20.53
CA TYR L 170 -3.27 1.23 -21.02
C TYR L 170 -3.91 1.90 -19.81
N SER L 171 -3.22 2.89 -19.24
CA SER L 171 -3.74 3.59 -18.08
C SER L 171 -4.12 5.03 -18.39
N VAL L 172 -5.19 5.50 -17.77
CA VAL L 172 -5.67 6.85 -17.99
C VAL L 172 -6.14 7.49 -16.69
N GLN L 173 -6.05 8.81 -16.63
CA GLN L 173 -6.47 9.53 -15.44
C GLN L 173 -7.96 9.87 -15.56
N THR L 174 -8.74 9.40 -14.59
CA THR L 174 -10.18 9.65 -14.60
C THR L 174 -10.80 9.40 -13.24
N THR L 175 -11.85 10.15 -12.92
CA THR L 175 -12.57 10.01 -11.67
C THR L 175 -13.77 9.11 -11.92
N GLU L 176 -13.78 8.49 -13.10
CA GLU L 176 -14.89 7.62 -13.48
C GLU L 176 -14.43 6.18 -13.71
N GLY L 177 -13.25 5.83 -13.22
CA GLY L 177 -12.74 4.48 -13.39
C GLY L 177 -13.76 3.43 -13.02
N GLU L 178 -14.55 3.73 -11.99
CA GLU L 178 -15.57 2.82 -11.50
C GLU L 178 -16.68 2.64 -12.53
N GLN L 179 -17.16 3.75 -13.08
CA GLN L 179 -18.23 3.72 -14.07
C GLN L 179 -17.78 2.95 -15.31
N ILE L 180 -16.55 3.22 -15.76
CA ILE L 180 -16.00 2.58 -16.94
C ILE L 180 -15.83 1.07 -16.71
N ALA L 181 -15.37 0.72 -15.52
CA ALA L 181 -15.15 -0.68 -15.17
C ALA L 181 -16.44 -1.48 -15.20
N GLN L 182 -17.48 -0.93 -14.59
CA GLN L 182 -18.79 -1.61 -14.54
C GLN L 182 -19.42 -1.76 -15.93
N LEU L 183 -19.16 -0.79 -16.79
CA LEU L 183 -19.71 -0.82 -18.15
C LEU L 183 -19.08 -1.96 -18.94
N ILE L 184 -17.80 -2.21 -18.70
CA ILE L 184 -17.09 -3.28 -19.39
C ILE L 184 -17.47 -4.64 -18.78
N ALA L 185 -17.57 -4.69 -17.47
CA ALA L 185 -17.95 -5.92 -16.79
C ALA L 185 -19.30 -6.38 -17.31
N GLY L 186 -20.24 -5.44 -17.41
CA GLY L 186 -21.57 -5.77 -17.89
C GLY L 186 -21.59 -6.33 -19.31
N TYR L 187 -20.91 -5.65 -20.22
CA TYR L 187 -20.84 -6.08 -21.62
C TYR L 187 -20.20 -7.45 -21.77
N ILE L 188 -19.12 -7.68 -21.03
CA ILE L 188 -18.42 -8.94 -21.08
C ILE L 188 -19.27 -10.11 -20.57
N ASP L 189 -20.05 -9.87 -19.52
CA ASP L 189 -20.90 -10.91 -18.96
C ASP L 189 -21.98 -11.43 -19.92
N ILE L 190 -22.38 -10.59 -20.86
CA ILE L 190 -23.40 -10.97 -21.83
C ILE L 190 -22.85 -11.82 -22.98
N ILE L 191 -21.61 -11.54 -23.36
CA ILE L 191 -20.97 -12.26 -24.47
C ILE L 191 -20.89 -13.77 -24.30
N LEU L 192 -20.28 -14.20 -23.20
CA LEU L 192 -20.11 -15.64 -22.93
C LEU L 192 -21.46 -16.35 -22.88
#